data_8PRX
#
_entry.id   8PRX
#
_cell.length_a   57.090
_cell.length_b   62.670
_cell.length_c   67.510
_cell.angle_alpha   105.449
_cell.angle_beta   93.667
_cell.angle_gamma   115.530
#
_symmetry.space_group_name_H-M   'P 1'
#
loop_
_entity.id
_entity.type
_entity.pdbx_description
1 polymer 'Cathepsin L'
2 non-polymer '~{tert}-butyl ~{N}-[1-[(2~{S})-3-cyclopropyl-1-oxidanylidene-1-[[(2~{S},3~{S})-3-oxidanyl-4-oxidanylidene-1-[(3~{S})-2-oxidanylidenepyrrolidin-3-yl]-4-[(phenylmethyl)amino]butan-2-yl]amino]propan-2-yl]-2-oxidanylidene-pyridin-3-yl]carbamate'
3 non-polymer 'DIMETHYL SULFOXIDE'
4 non-polymer DI(HYDROXYETHYL)ETHER
5 non-polymer 'TETRAETHYLENE GLYCOL'
6 non-polymer 1,2-ETHANEDIOL
7 non-polymer 'TRIETHYLENE GLYCOL'
8 water water
#
_entity_poly.entity_id   1
_entity_poly.type   'polypeptide(L)'
_entity_poly.pdbx_seq_one_letter_code
;APRSVDWREKGYVTPVKNQGQCGSCWAFSATGALEGQMFRKTGRLISLSEQNLVDCSGPQGNEGCNGGLMDYAFQYVQDN
GGLDSEESYPYEATEESCKYNPKYSVANDAGFVDIPKQEKALMKAVATVGPISVAIDAGHESFLFYKEGIYFEPDCSSED
MDHGVLVVGYGFESTESDNNKYWLVKNSWGEEWGMGGYVKMAKDRRNHCGIASAASYPTV
;
_entity_poly.pdbx_strand_id   A,B,C,D
#
# COMPACT_ATOMS: atom_id res chain seq x y z
N ALA A 1 13.92 -0.82 17.72
CA ALA A 1 12.54 -1.27 17.58
C ALA A 1 12.24 -1.68 16.12
N PRO A 2 11.16 -2.42 15.90
CA PRO A 2 10.81 -2.81 14.52
C PRO A 2 10.47 -1.58 13.69
N ARG A 3 10.57 -1.75 12.36
CA ARG A 3 10.22 -0.65 11.46
C ARG A 3 8.73 -0.62 11.18
N SER A 4 8.07 -1.78 11.35
CA SER A 4 6.63 -1.95 11.13
C SER A 4 6.05 -2.79 12.26
N VAL A 5 4.88 -2.39 12.73
CA VAL A 5 4.11 -3.11 13.75
C VAL A 5 2.64 -3.04 13.36
N ASP A 6 1.91 -4.15 13.50
CA ASP A 6 0.46 -4.10 13.29
C ASP A 6 -0.20 -5.11 14.23
N TRP A 7 -0.77 -4.62 15.33
CA TRP A 7 -1.37 -5.53 16.31
C TRP A 7 -2.63 -6.18 15.82
N ARG A 8 -3.23 -5.70 14.73
CA ARG A 8 -4.38 -6.41 14.20
C ARG A 8 -3.99 -7.82 13.78
N GLU A 9 -2.77 -7.97 13.27
CA GLU A 9 -2.29 -9.27 12.78
C GLU A 9 -2.01 -10.25 13.92
N LYS A 10 -1.90 -9.76 15.15
CA LYS A 10 -1.65 -10.60 16.32
C LYS A 10 -2.91 -10.87 17.15
N GLY A 11 -4.08 -10.38 16.74
CA GLY A 11 -5.32 -10.74 17.42
C GLY A 11 -5.78 -9.78 18.51
N TYR A 12 -5.15 -8.61 18.63
CA TYR A 12 -5.34 -7.67 19.74
C TYR A 12 -6.47 -6.68 19.51
N VAL A 13 -7.09 -6.65 18.32
CA VAL A 13 -7.94 -5.53 17.91
C VAL A 13 -9.30 -6.02 17.43
N THR A 14 -10.38 -5.48 18.03
CA THR A 14 -11.72 -5.73 17.56
C THR A 14 -12.01 -4.96 16.26
N PRO A 15 -13.10 -5.28 15.59
CA PRO A 15 -13.47 -4.52 14.38
C PRO A 15 -13.72 -3.05 14.72
N VAL A 16 -13.75 -2.23 13.67
CA VAL A 16 -14.07 -0.81 13.85
C VAL A 16 -15.50 -0.62 14.34
N LYS A 17 -15.67 0.25 15.33
CA LYS A 17 -16.98 0.62 15.87
C LYS A 17 -17.37 2.03 15.43
N ASN A 18 -18.60 2.41 15.78
CA ASN A 18 -19.18 3.68 15.35
C ASN A 18 -19.85 4.34 16.54
N GLN A 19 -19.26 5.42 17.01
CA GLN A 19 -19.74 6.15 18.18
C GLN A 19 -20.98 6.98 17.89
N GLY A 20 -21.37 7.11 16.62
CA GLY A 20 -22.56 7.89 16.35
C GLY A 20 -22.37 9.35 16.72
N GLN A 21 -23.48 9.99 17.09
CA GLN A 21 -23.50 11.44 17.37
C GLN A 21 -23.43 11.70 18.86
N CYS A 22 -22.45 11.09 19.51
CA CYS A 22 -22.19 11.23 20.93
C CYS A 22 -20.70 11.48 21.05
N GLY A 23 -20.32 12.43 21.92
CA GLY A 23 -18.91 12.77 22.11
C GLY A 23 -18.16 11.75 22.94
N SER A 24 -18.23 10.48 22.54
CA SER A 24 -17.69 9.40 23.36
C SER A 24 -16.43 8.79 22.77
N CYS A 25 -15.71 9.52 21.92
CA CYS A 25 -14.49 8.95 21.32
C CYS A 25 -13.53 8.46 22.39
N TRP A 26 -13.42 9.20 23.50
CA TRP A 26 -12.55 8.78 24.60
C TRP A 26 -12.90 7.37 25.09
N ALA A 27 -14.17 7.00 25.06
CA ALA A 27 -14.60 5.69 25.57
C ALA A 27 -14.18 4.60 24.61
N PHE A 28 -14.27 4.89 23.31
CA PHE A 28 -13.84 3.90 22.31
C PHE A 28 -12.32 3.73 22.32
N SER A 29 -11.59 4.84 22.48
CA SER A 29 -10.15 4.71 22.61
C SER A 29 -9.80 3.84 23.81
N ALA A 30 -10.45 4.10 24.95
CA ALA A 30 -10.19 3.32 26.16
C ALA A 30 -10.53 1.84 25.98
N THR A 31 -11.73 1.51 25.49
CA THR A 31 -12.05 0.10 25.29
C THR A 31 -11.07 -0.56 24.32
N GLY A 32 -10.65 0.13 23.26
CA GLY A 32 -9.68 -0.49 22.37
C GLY A 32 -8.37 -0.82 23.07
N ALA A 33 -7.89 0.11 23.89
CA ALA A 33 -6.63 -0.18 24.59
C ALA A 33 -6.80 -1.35 25.58
N LEU A 34 -7.90 -1.35 26.34
CA LEU A 34 -8.16 -2.44 27.30
C LEU A 34 -8.45 -3.75 26.59
N GLU A 35 -9.15 -3.71 25.46
CA GLU A 35 -9.33 -4.93 24.67
C GLU A 35 -7.98 -5.54 24.32
N GLY A 36 -7.01 -4.70 23.94
CA GLY A 36 -5.69 -5.21 23.59
C GLY A 36 -4.97 -5.78 24.80
N GLN A 37 -5.01 -5.07 25.92
CA GLN A 37 -4.27 -5.58 27.08
C GLN A 37 -4.95 -6.81 27.69
N MET A 38 -6.27 -6.90 27.63
CA MET A 38 -6.93 -8.11 28.08
C MET A 38 -6.55 -9.29 27.20
N PHE A 39 -6.40 -9.06 25.90
CA PHE A 39 -6.05 -10.15 25.00
C PHE A 39 -4.63 -10.63 25.28
N ARG A 40 -3.74 -9.68 25.52
CA ARG A 40 -2.36 -9.98 25.87
C ARG A 40 -2.31 -10.93 27.07
N LYS A 41 -3.17 -10.68 28.05
CA LYS A 41 -3.17 -11.46 29.29
C LYS A 41 -3.82 -12.83 29.10
N THR A 42 -5.00 -12.89 28.51
CA THR A 42 -5.82 -14.10 28.51
C THR A 42 -5.85 -14.85 27.20
N GLY A 43 -5.45 -14.21 26.10
CA GLY A 43 -5.60 -14.82 24.81
C GLY A 43 -7.00 -14.79 24.25
N ARG A 44 -7.92 -14.07 24.88
CA ARG A 44 -9.29 -13.97 24.42
C ARG A 44 -9.60 -12.50 24.10
N LEU A 45 -10.11 -12.27 22.90
CA LEU A 45 -10.49 -10.93 22.44
C LEU A 45 -11.98 -10.76 22.68
N ILE A 46 -12.34 -9.83 23.57
CA ILE A 46 -13.73 -9.59 23.94
C ILE A 46 -14.03 -8.12 23.78
N SER A 47 -14.97 -7.78 22.89
CA SER A 47 -15.41 -6.41 22.74
C SER A 47 -16.01 -5.88 24.05
N LEU A 48 -15.56 -4.69 24.48
CA LEU A 48 -15.96 -4.10 25.76
C LEU A 48 -16.96 -2.95 25.56
N SER A 49 -17.70 -2.62 26.63
CA SER A 49 -18.85 -1.71 26.56
C SER A 49 -18.41 -0.25 26.71
N GLU A 50 -18.49 0.52 25.62
CA GLU A 50 -18.35 1.97 25.72
C GLU A 50 -19.49 2.58 26.52
N GLN A 51 -20.69 2.02 26.39
CA GLN A 51 -21.84 2.59 27.08
C GLN A 51 -21.62 2.52 28.59
N ASN A 52 -21.04 1.42 29.06
CA ASN A 52 -20.69 1.27 30.48
C ASN A 52 -19.82 2.46 30.94
N LEU A 53 -18.84 2.86 30.12
CA LEU A 53 -17.98 4.00 30.46
C LEU A 53 -18.75 5.30 30.39
N VAL A 54 -19.53 5.50 29.32
CA VAL A 54 -20.30 6.74 29.16
C VAL A 54 -21.24 6.97 30.34
N ASP A 55 -21.94 5.94 30.77
CA ASP A 55 -22.95 6.08 31.81
C ASP A 55 -22.36 6.17 33.20
N CYS A 56 -21.16 5.60 33.44
CA CYS A 56 -20.73 5.23 34.80
C CYS A 56 -19.46 5.89 35.28
N SER A 57 -18.59 6.40 34.39
CA SER A 57 -17.30 6.87 34.83
C SER A 57 -17.28 8.38 35.11
N GLY A 58 -18.46 8.99 35.30
CA GLY A 58 -18.52 10.36 35.76
C GLY A 58 -17.71 10.61 37.01
N PRO A 59 -17.74 9.72 38.01
CA PRO A 59 -16.99 10.01 39.25
C PRO A 59 -15.51 10.09 39.02
N GLN A 60 -14.99 9.48 37.95
CA GLN A 60 -13.57 9.66 37.67
C GLN A 60 -13.26 10.92 36.88
N GLY A 61 -14.25 11.70 36.46
CA GLY A 61 -14.06 12.95 35.72
C GLY A 61 -14.60 12.96 34.30
N ASN A 62 -15.14 11.85 33.80
CA ASN A 62 -15.71 11.82 32.47
C ASN A 62 -17.10 12.43 32.45
N GLU A 63 -17.48 12.92 31.27
CA GLU A 63 -18.72 13.65 31.08
C GLU A 63 -19.54 13.07 29.93
N GLY A 64 -19.50 11.73 29.78
CA GLY A 64 -20.43 11.10 28.87
C GLY A 64 -20.24 11.55 27.44
N CYS A 65 -21.35 11.91 26.79
CA CYS A 65 -21.32 12.39 25.41
C CYS A 65 -20.74 13.80 25.30
N ASN A 66 -20.46 14.46 26.41
CA ASN A 66 -19.82 15.78 26.40
C ASN A 66 -18.30 15.71 26.49
N GLY A 67 -17.72 14.52 26.51
CA GLY A 67 -16.29 14.34 26.49
C GLY A 67 -15.79 13.61 27.72
N GLY A 68 -14.51 13.25 27.66
CA GLY A 68 -13.88 12.43 28.67
C GLY A 68 -12.44 12.19 28.31
N LEU A 69 -11.75 11.43 29.17
CA LEU A 69 -10.34 11.07 28.96
C LEU A 69 -10.17 9.58 29.12
N MET A 70 -9.29 9.00 28.29
CA MET A 70 -9.03 7.57 28.42
C MET A 70 -8.51 7.24 29.81
N ASP A 71 -7.68 8.11 30.39
CA ASP A 71 -7.11 7.78 31.70
C ASP A 71 -8.19 7.71 32.78
N TYR A 72 -9.17 8.62 32.70
CA TYR A 72 -10.31 8.52 33.61
C TYR A 72 -11.06 7.21 33.42
N ALA A 73 -11.19 6.73 32.17
CA ALA A 73 -11.85 5.44 31.96
C ALA A 73 -11.04 4.29 32.57
N PHE A 74 -9.70 4.31 32.42
CA PHE A 74 -8.90 3.24 33.01
C PHE A 74 -9.02 3.27 34.54
N GLN A 75 -9.08 4.48 35.10
CA GLN A 75 -9.26 4.64 36.55
C GLN A 75 -10.61 4.08 36.98
N TYR A 76 -11.66 4.32 36.18
CA TYR A 76 -12.99 3.76 36.48
C TYR A 76 -12.95 2.24 36.57
N VAL A 77 -12.36 1.59 35.57
CA VAL A 77 -12.35 0.13 35.55
C VAL A 77 -11.66 -0.38 36.82
N GLN A 78 -10.59 0.30 37.22
CA GLN A 78 -9.85 -0.04 38.45
C GLN A 78 -10.73 0.19 39.69
N ASP A 79 -11.22 1.43 39.85
CA ASP A 79 -12.10 1.77 40.97
C ASP A 79 -13.32 0.86 41.04
N ASN A 80 -13.93 0.61 39.90
CA ASN A 80 -15.18 -0.14 39.82
C ASN A 80 -14.97 -1.63 40.02
N GLY A 81 -13.76 -2.13 39.82
CA GLY A 81 -13.51 -3.55 39.84
C GLY A 81 -14.01 -4.31 38.63
N GLY A 82 -14.23 -3.67 37.49
CA GLY A 82 -14.65 -4.42 36.32
C GLY A 82 -15.26 -3.53 35.24
N LEU A 83 -15.58 -4.17 34.12
CA LEU A 83 -16.19 -3.51 32.98
C LEU A 83 -16.94 -4.56 32.16
N ASP A 84 -18.20 -4.25 31.81
CA ASP A 84 -19.08 -5.18 31.15
C ASP A 84 -18.69 -5.34 29.68
N SER A 85 -19.00 -6.50 29.12
CA SER A 85 -18.77 -6.76 27.71
C SER A 85 -19.69 -5.88 26.85
N GLU A 86 -19.25 -5.64 25.61
CA GLU A 86 -20.09 -4.94 24.65
C GLU A 86 -21.44 -5.65 24.46
N GLU A 87 -21.41 -6.98 24.39
CA GLU A 87 -22.63 -7.80 24.15
C GLU A 87 -23.59 -7.70 25.34
N SER A 88 -23.10 -7.45 26.55
CA SER A 88 -23.98 -7.39 27.71
C SER A 88 -24.51 -5.99 27.94
N TYR A 89 -23.85 -4.98 27.41
CA TYR A 89 -24.16 -3.59 27.75
C TYR A 89 -23.95 -2.78 26.47
N PRO A 90 -24.86 -2.90 25.52
CA PRO A 90 -24.59 -2.38 24.17
C PRO A 90 -24.67 -0.86 24.07
N TYR A 91 -24.13 -0.37 22.97
CA TYR A 91 -23.90 1.06 22.81
C TYR A 91 -25.15 1.75 22.29
N GLU A 92 -25.58 2.79 22.98
CA GLU A 92 -26.79 3.54 22.62
C GLU A 92 -26.51 4.94 22.12
N ALA A 93 -25.27 5.43 22.23
CA ALA A 93 -24.91 6.77 21.77
C ALA A 93 -25.69 7.88 22.48
N THR A 94 -26.13 7.62 23.72
CA THR A 94 -26.70 8.68 24.52
C THR A 94 -26.42 8.39 26.00
N GLU A 95 -26.23 9.43 26.82
CA GLU A 95 -25.89 9.19 28.21
C GLU A 95 -27.12 8.83 29.01
N GLU A 96 -27.02 7.77 29.82
CA GLU A 96 -28.10 7.22 30.63
C GLU A 96 -27.55 6.93 32.02
N SER A 97 -28.42 6.50 32.93
CA SER A 97 -27.90 6.16 34.26
C SER A 97 -27.08 4.87 34.17
N CYS A 98 -26.23 4.67 35.16
CA CYS A 98 -25.30 3.54 35.16
C CYS A 98 -26.05 2.22 35.35
N LYS A 99 -25.81 1.26 34.45
CA LYS A 99 -26.41 -0.06 34.55
C LYS A 99 -25.36 -1.16 34.68
N TYR A 100 -24.17 -0.80 35.16
CA TYR A 100 -23.10 -1.79 35.33
C TYR A 100 -23.57 -2.97 36.17
N ASN A 101 -23.23 -4.17 35.73
CA ASN A 101 -23.57 -5.41 36.44
C ASN A 101 -22.32 -6.27 36.54
N PRO A 102 -21.77 -6.46 37.75
CA PRO A 102 -20.49 -7.16 37.86
C PRO A 102 -20.52 -8.58 37.31
N LYS A 103 -21.68 -9.22 37.27
CA LYS A 103 -21.75 -10.60 36.80
C LYS A 103 -21.31 -10.69 35.34
N TYR A 104 -21.48 -9.60 34.60
CA TYR A 104 -21.12 -9.50 33.20
C TYR A 104 -19.78 -8.80 32.97
N SER A 105 -19.01 -8.57 34.03
CA SER A 105 -17.68 -8.00 33.82
C SER A 105 -16.75 -8.98 33.12
N VAL A 106 -16.00 -8.49 32.12
CA VAL A 106 -15.05 -9.32 31.40
C VAL A 106 -13.67 -8.72 31.35
N ALA A 107 -13.44 -7.60 32.02
CA ALA A 107 -12.13 -6.94 31.99
C ALA A 107 -11.90 -6.22 33.32
N ASN A 108 -10.62 -6.00 33.61
CA ASN A 108 -10.14 -5.34 34.82
C ASN A 108 -8.84 -4.63 34.47
N ASP A 109 -8.50 -3.61 35.25
CA ASP A 109 -7.14 -3.10 35.20
C ASP A 109 -6.75 -2.54 36.56
N ALA A 110 -5.45 -2.33 36.72
CA ALA A 110 -4.85 -1.86 37.97
C ALA A 110 -4.22 -0.50 37.78
N GLY A 111 -4.87 0.36 37.02
CA GLY A 111 -4.34 1.66 36.70
C GLY A 111 -3.89 1.72 35.25
N PHE A 112 -3.02 2.69 34.98
CA PHE A 112 -2.61 2.97 33.62
C PHE A 112 -1.19 3.53 33.66
N VAL A 113 -0.59 3.64 32.48
CA VAL A 113 0.72 4.23 32.31
C VAL A 113 0.60 5.38 31.33
N ASP A 114 1.11 6.53 31.71
CA ASP A 114 1.20 7.67 30.81
C ASP A 114 2.56 7.65 30.14
N ILE A 115 2.58 7.77 28.80
CA ILE A 115 3.82 7.67 28.04
C ILE A 115 4.44 9.05 27.91
N PRO A 116 5.76 9.19 28.07
CA PRO A 116 6.38 10.49 27.86
C PRO A 116 5.96 11.06 26.51
N LYS A 117 5.92 12.40 26.42
CA LYS A 117 5.33 13.11 25.27
C LYS A 117 6.36 13.29 24.15
N GLN A 118 6.87 12.15 23.67
CA GLN A 118 7.76 12.08 22.52
C GLN A 118 7.34 10.94 21.61
N GLU A 119 7.40 11.17 20.31
CA GLU A 119 7.07 10.09 19.38
C GLU A 119 7.98 8.87 19.56
N LYS A 120 9.25 9.06 19.97
CA LYS A 120 10.07 7.86 20.15
C LYS A 120 9.58 7.01 21.32
N ALA A 121 9.05 7.63 22.38
CA ALA A 121 8.50 6.84 23.48
C ALA A 121 7.20 6.16 23.07
N LEU A 122 6.36 6.87 22.31
CA LEU A 122 5.16 6.22 21.75
C LEU A 122 5.58 5.00 20.92
N MET A 123 6.62 5.15 20.10
CA MET A 123 7.05 4.02 19.28
C MET A 123 7.43 2.82 20.14
N LYS A 124 8.23 3.02 21.19
CA LYS A 124 8.63 1.86 21.99
C LYS A 124 7.43 1.24 22.71
N ALA A 125 6.46 2.07 23.14
CA ALA A 125 5.26 1.52 23.76
C ALA A 125 4.44 0.73 22.76
N VAL A 126 4.21 1.29 21.57
CA VAL A 126 3.47 0.54 20.56
C VAL A 126 4.18 -0.78 20.26
N ALA A 127 5.51 -0.74 20.16
CA ALA A 127 6.28 -1.93 19.81
C ALA A 127 6.18 -3.01 20.89
N THR A 128 6.11 -2.63 22.16
CA THR A 128 6.29 -3.62 23.21
C THR A 128 5.02 -3.95 24.00
N VAL A 129 4.01 -3.09 23.96
CA VAL A 129 2.83 -3.22 24.81
C VAL A 129 1.62 -3.72 24.03
N GLY A 130 1.36 -3.12 22.87
CA GLY A 130 0.14 -3.35 22.13
C GLY A 130 -0.50 -2.01 21.79
N PRO A 131 -1.76 -2.03 21.36
CA PRO A 131 -2.45 -0.80 20.98
C PRO A 131 -2.44 0.21 22.12
N ILE A 132 -2.23 1.49 21.77
CA ILE A 132 -2.05 2.58 22.73
C ILE A 132 -3.16 3.62 22.49
N SER A 133 -3.81 4.08 23.57
CA SER A 133 -4.74 5.20 23.49
C SER A 133 -4.00 6.51 23.28
N VAL A 134 -4.50 7.33 22.36
CA VAL A 134 -3.87 8.63 22.11
C VAL A 134 -4.97 9.65 21.81
N ALA A 135 -4.59 10.94 21.93
CA ALA A 135 -5.46 12.05 21.60
C ALA A 135 -4.87 12.81 20.42
N ILE A 136 -5.71 13.15 19.45
CA ILE A 136 -5.21 13.88 18.27
C ILE A 136 -6.11 15.09 17.96
N ASP A 137 -5.55 16.03 17.21
CA ASP A 137 -6.34 17.11 16.63
C ASP A 137 -6.97 16.61 15.34
N ALA A 138 -8.28 16.37 15.38
CA ALA A 138 -9.06 15.88 14.24
C ALA A 138 -10.01 16.94 13.71
N GLY A 139 -9.92 18.17 14.22
CA GLY A 139 -10.78 19.24 13.75
C GLY A 139 -10.36 19.90 12.44
N HIS A 140 -10.38 19.16 11.33
CA HIS A 140 -10.07 19.72 10.02
C HIS A 140 -10.83 18.94 8.95
N GLU A 141 -11.30 19.66 7.93
CA GLU A 141 -12.09 19.03 6.87
C GLU A 141 -11.35 17.86 6.23
N SER A 142 -10.03 17.98 6.09
CA SER A 142 -9.21 16.92 5.49
C SER A 142 -9.35 15.61 6.25
N PHE A 143 -9.49 15.71 7.55
CA PHE A 143 -9.67 14.51 8.35
C PHE A 143 -11.02 13.84 8.07
N LEU A 144 -12.09 14.63 7.88
CA LEU A 144 -13.38 14.04 7.55
C LEU A 144 -13.31 13.24 6.26
N PHE A 145 -12.63 13.78 5.24
CA PHE A 145 -12.67 13.21 3.91
C PHE A 145 -11.54 12.25 3.64
N TYR A 146 -10.72 11.97 4.64
CA TYR A 146 -9.59 11.07 4.43
C TYR A 146 -10.04 9.75 3.81
N LYS A 147 -9.31 9.29 2.80
CA LYS A 147 -9.60 8.01 2.15
C LYS A 147 -8.42 7.06 2.13
N GLU A 148 -7.20 7.58 1.96
CA GLU A 148 -6.02 6.71 1.88
C GLU A 148 -4.77 7.58 1.98
N GLY A 149 -3.62 6.91 2.06
CA GLY A 149 -2.35 7.56 2.15
C GLY A 149 -2.00 8.02 3.55
N ILE A 150 -0.88 8.73 3.64
CA ILE A 150 -0.46 9.27 4.93
C ILE A 150 -1.09 10.64 5.15
N TYR A 151 -1.84 10.75 6.24
CA TYR A 151 -2.55 11.99 6.55
C TYR A 151 -1.58 13.03 7.09
N PHE A 152 -1.54 14.19 6.44
CA PHE A 152 -0.78 15.32 6.95
C PHE A 152 -1.59 16.59 6.77
N GLU A 153 -1.80 17.30 7.86
CA GLU A 153 -2.60 18.55 7.87
C GLU A 153 -1.71 19.69 8.37
N PRO A 154 -1.31 20.64 7.50
CA PRO A 154 -0.37 21.68 7.96
C PRO A 154 -0.91 22.51 9.11
N ASP A 155 -2.23 22.67 9.20
CA ASP A 155 -2.84 23.48 10.25
C ASP A 155 -3.08 22.69 11.53
N CYS A 156 -2.50 21.49 11.64
CA CYS A 156 -2.79 20.63 12.79
C CYS A 156 -1.99 21.10 14.00
N SER A 157 -2.67 21.20 15.14
CA SER A 157 -2.01 21.61 16.38
C SER A 157 -1.52 20.40 17.16
N SER A 158 -0.34 20.56 17.76
CA SER A 158 0.21 19.56 18.66
C SER A 158 -0.11 19.86 20.12
N GLU A 159 -0.91 20.91 20.37
CA GLU A 159 -1.33 21.27 21.72
C GLU A 159 -2.83 21.25 21.92
N ASP A 160 -3.62 21.33 20.85
CA ASP A 160 -5.08 21.30 20.94
C ASP A 160 -5.59 20.02 20.30
N MET A 161 -5.38 18.91 21.01
CA MET A 161 -6.00 17.64 20.66
C MET A 161 -7.45 17.63 21.13
N ASP A 162 -8.35 17.12 20.29
CA ASP A 162 -9.76 17.10 20.61
C ASP A 162 -10.42 15.73 20.41
N HIS A 163 -9.64 14.69 20.11
CA HIS A 163 -10.23 13.44 19.63
C HIS A 163 -9.43 12.23 20.13
N GLY A 164 -10.08 11.34 20.86
CA GLY A 164 -9.42 10.11 21.33
C GLY A 164 -9.47 9.01 20.28
N VAL A 165 -8.32 8.35 20.07
CA VAL A 165 -8.26 7.28 19.08
C VAL A 165 -7.26 6.22 19.55
N LEU A 166 -6.91 5.26 18.69
CA LEU A 166 -6.15 4.08 19.14
C LEU A 166 -5.05 3.81 18.13
N VAL A 167 -3.79 3.87 18.58
CA VAL A 167 -2.67 3.49 17.71
C VAL A 167 -2.49 1.98 17.77
N VAL A 168 -2.70 1.30 16.64
CA VAL A 168 -2.57 -0.18 16.62
C VAL A 168 -1.28 -0.63 15.95
N GLY A 169 -0.44 0.32 15.52
CA GLY A 169 0.80 -0.05 14.89
C GLY A 169 1.42 1.16 14.23
N TYR A 170 2.43 0.89 13.41
CA TYR A 170 3.10 1.92 12.62
C TYR A 170 3.84 1.25 11.46
N GLY A 171 4.21 2.08 10.49
CA GLY A 171 4.80 1.51 9.28
C GLY A 171 5.35 2.60 8.38
N PHE A 172 5.54 2.23 7.11
CA PHE A 172 6.08 3.20 6.18
C PHE A 172 5.53 2.90 4.79
N GLU A 173 5.49 3.93 3.95
CA GLU A 173 5.28 3.67 2.53
C GLU A 173 5.89 4.84 1.77
N SER A 174 6.41 4.56 0.58
CA SER A 174 7.04 5.61 -0.24
C SER A 174 6.02 6.68 -0.64
N THR A 175 6.42 7.95 -0.54
CA THR A 175 5.53 9.06 -0.86
C THR A 175 6.27 10.12 -1.65
N GLU A 176 5.47 11.01 -2.28
CA GLU A 176 6.03 12.13 -3.04
C GLU A 176 6.99 12.95 -2.21
N SER A 177 6.62 13.26 -0.95
CA SER A 177 7.39 14.22 -0.17
C SER A 177 8.50 13.55 0.62
N ASP A 178 8.54 12.23 0.59
CA ASP A 178 9.52 11.41 1.32
C ASP A 178 9.34 11.54 2.82
N ASN A 179 8.14 11.94 3.23
CA ASN A 179 7.72 11.79 4.62
C ASN A 179 6.92 10.49 4.64
N ASN A 180 7.61 9.38 4.94
CA ASN A 180 7.10 8.06 4.58
C ASN A 180 6.60 7.27 5.78
N LYS A 181 6.75 7.77 6.98
CA LYS A 181 6.40 6.99 8.16
C LYS A 181 5.03 7.39 8.67
N TYR A 182 4.30 6.41 9.20
CA TYR A 182 2.96 6.68 9.72
C TYR A 182 2.66 5.84 10.96
N TRP A 183 1.77 6.37 11.80
CA TRP A 183 1.05 5.62 12.84
C TRP A 183 -0.22 5.04 12.25
N LEU A 184 -0.48 3.76 12.51
CA LEU A 184 -1.73 3.14 12.07
C LEU A 184 -2.78 3.35 13.15
N VAL A 185 -3.86 4.06 12.86
CA VAL A 185 -4.74 4.58 13.91
C VAL A 185 -6.15 4.10 13.64
N LYS A 186 -6.75 3.45 14.64
CA LYS A 186 -8.13 3.01 14.58
C LYS A 186 -9.02 4.14 15.06
N ASN A 187 -10.02 4.51 14.24
CA ASN A 187 -10.99 5.52 14.62
C ASN A 187 -12.28 4.83 15.08
N SER A 188 -13.27 5.64 15.48
CA SER A 188 -14.57 5.15 15.96
C SER A 188 -15.71 5.78 15.16
N TRP A 189 -15.48 6.02 13.85
CA TRP A 189 -16.50 6.59 12.99
C TRP A 189 -17.02 5.58 11.97
N GLY A 190 -16.92 4.29 12.30
CA GLY A 190 -17.39 3.24 11.42
C GLY A 190 -16.42 2.97 10.28
N GLU A 191 -16.76 1.93 9.51
CA GLU A 191 -15.90 1.39 8.48
C GLU A 191 -15.90 2.23 7.22
N GLU A 192 -16.93 3.04 7.02
CA GLU A 192 -17.06 3.87 5.82
C GLU A 192 -16.11 5.05 5.83
N TRP A 193 -15.66 5.50 7.01
CA TRP A 193 -14.72 6.58 7.10
C TRP A 193 -13.33 6.09 6.79
N GLY A 194 -12.53 6.90 6.10
CA GLY A 194 -11.13 6.58 5.94
C GLY A 194 -10.94 5.24 5.27
N MET A 195 -9.92 4.50 5.71
CA MET A 195 -9.55 3.24 5.07
C MET A 195 -10.08 2.11 5.94
N GLY A 196 -11.30 1.68 5.66
CA GLY A 196 -11.90 0.70 6.53
C GLY A 196 -12.07 1.19 7.95
N GLY A 197 -12.10 2.51 8.16
CA GLY A 197 -12.19 3.03 9.51
C GLY A 197 -10.86 3.40 10.14
N TYR A 198 -9.75 3.22 9.42
CA TYR A 198 -8.40 3.45 9.86
C TYR A 198 -7.83 4.65 9.15
N VAL A 199 -6.83 5.28 9.78
CA VAL A 199 -6.06 6.33 9.14
C VAL A 199 -4.59 6.09 9.41
N LYS A 200 -3.76 6.41 8.42
CA LYS A 200 -2.31 6.43 8.58
C LYS A 200 -1.90 7.88 8.88
N MET A 201 -1.58 8.17 10.13
CA MET A 201 -1.24 9.52 10.57
C MET A 201 0.26 9.74 10.48
N ALA A 202 0.66 10.91 9.97
CA ALA A 202 2.08 11.23 9.82
C ALA A 202 2.85 10.98 11.12
N LYS A 203 3.99 10.29 10.99
CA LYS A 203 4.85 9.89 12.09
C LYS A 203 6.23 10.52 11.93
N ASP A 204 6.76 11.00 13.07
CA ASP A 204 8.07 11.62 13.16
C ASP A 204 8.11 12.92 12.39
N ARG A 205 6.98 13.64 12.41
CA ARG A 205 6.88 14.97 11.80
C ARG A 205 6.49 15.95 12.88
N ARG A 206 7.34 16.13 13.89
CA ARG A 206 7.12 17.13 14.91
C ARG A 206 5.83 16.85 15.67
N ASN A 207 5.58 15.58 15.98
CA ASN A 207 4.40 15.21 16.77
C ASN A 207 3.14 15.74 16.11
N HIS A 208 2.97 15.33 14.84
CA HIS A 208 1.89 15.85 14.03
C HIS A 208 0.54 15.59 14.71
N CYS A 209 -0.28 16.63 14.80
CA CYS A 209 -1.60 16.62 15.43
C CYS A 209 -1.55 16.19 16.88
N GLY A 210 -0.36 16.19 17.50
CA GLY A 210 -0.24 15.93 18.93
C GLY A 210 -0.36 14.49 19.34
N ILE A 211 -0.19 13.54 18.40
CA ILE A 211 -0.51 12.14 18.67
C ILE A 211 0.31 11.55 19.81
N ALA A 212 1.51 12.08 20.10
CA ALA A 212 2.28 11.53 21.21
C ALA A 212 2.10 12.32 22.51
N SER A 213 1.21 13.31 22.54
CA SER A 213 1.14 14.24 23.67
C SER A 213 0.22 13.77 24.79
N ALA A 214 -0.63 12.78 24.54
CA ALA A 214 -1.58 12.29 25.54
C ALA A 214 -1.78 10.79 25.34
N ALA A 215 -0.67 10.05 25.33
CA ALA A 215 -0.70 8.61 25.08
C ALA A 215 -0.66 7.82 26.39
N SER A 216 -1.45 6.74 26.46
CA SER A 216 -1.44 5.94 27.68
C SER A 216 -2.00 4.56 27.39
N TYR A 217 -1.89 3.66 28.35
CA TYR A 217 -2.50 2.35 28.24
C TYR A 217 -2.82 1.81 29.61
N PRO A 218 -3.79 0.89 29.71
CA PRO A 218 -4.16 0.34 31.03
C PRO A 218 -3.18 -0.74 31.44
N THR A 219 -3.04 -0.89 32.76
CA THR A 219 -2.16 -1.91 33.30
C THR A 219 -2.98 -3.16 33.62
N VAL A 220 -2.72 -4.24 32.90
CA VAL A 220 -3.50 -5.46 33.09
C VAL A 220 -2.59 -6.60 33.60
N ALA B 1 12.01 -11.89 -12.73
CA ALA B 1 13.40 -11.42 -12.63
C ALA B 1 14.38 -12.50 -13.11
N PRO B 2 15.62 -12.11 -13.42
CA PRO B 2 16.66 -13.11 -13.67
C PRO B 2 16.81 -14.00 -12.46
N ARG B 3 17.41 -15.19 -12.70
CA ARG B 3 17.63 -16.14 -11.62
C ARG B 3 18.83 -15.74 -10.78
N SER B 4 19.77 -15.00 -11.35
CA SER B 4 20.88 -14.45 -10.58
C SER B 4 21.28 -13.10 -11.16
N VAL B 5 21.75 -12.22 -10.26
CA VAL B 5 22.11 -10.83 -10.52
C VAL B 5 23.40 -10.54 -9.77
N ASP B 6 24.34 -9.84 -10.42
CA ASP B 6 25.56 -9.41 -9.75
C ASP B 6 25.96 -8.08 -10.37
N TRP B 7 25.54 -6.98 -9.72
CA TRP B 7 25.83 -5.67 -10.31
C TRP B 7 27.32 -5.34 -10.36
N ARG B 8 28.18 -6.12 -9.70
CA ARG B 8 29.60 -5.80 -9.78
C ARG B 8 30.11 -6.03 -11.19
N GLU B 9 29.54 -7.02 -11.89
CA GLU B 9 29.92 -7.35 -13.25
C GLU B 9 29.45 -6.31 -14.25
N LYS B 10 28.52 -5.45 -13.88
CA LYS B 10 28.10 -4.34 -14.73
C LYS B 10 28.76 -3.01 -14.43
N GLY B 11 29.62 -2.91 -13.40
CA GLY B 11 30.32 -1.65 -13.17
C GLY B 11 29.64 -0.74 -12.18
N TYR B 12 28.69 -1.25 -11.39
CA TYR B 12 27.91 -0.41 -10.47
C TYR B 12 28.51 -0.28 -9.07
N VAL B 13 29.60 -1.03 -8.77
CA VAL B 13 30.02 -1.23 -7.37
C VAL B 13 31.51 -0.94 -7.18
N THR B 14 31.82 -0.11 -6.18
CA THR B 14 33.18 0.24 -5.83
C THR B 14 33.79 -0.89 -4.99
N PRO B 15 35.11 -0.91 -4.81
CA PRO B 15 35.71 -1.93 -3.93
C PRO B 15 35.16 -1.80 -2.51
N VAL B 16 35.37 -2.87 -1.74
CA VAL B 16 34.96 -2.91 -0.34
C VAL B 16 35.77 -1.90 0.44
N LYS B 17 35.10 -1.18 1.34
CA LYS B 17 35.68 -0.16 2.22
C LYS B 17 35.65 -0.63 3.67
N ASN B 18 36.32 0.14 4.54
CA ASN B 18 36.43 -0.26 5.94
C ASN B 18 36.07 0.94 6.79
N GLN B 19 34.93 0.83 7.45
CA GLN B 19 34.42 1.90 8.31
C GLN B 19 35.21 2.03 9.60
N GLY B 20 36.03 1.02 9.94
CA GLY B 20 36.78 1.19 11.17
C GLY B 20 35.87 1.13 12.38
N GLN B 21 36.31 1.79 13.47
CA GLN B 21 35.63 1.73 14.76
C GLN B 21 34.63 2.86 14.96
N CYS B 22 34.00 3.30 13.90
CA CYS B 22 33.06 4.41 13.94
C CYS B 22 31.72 3.85 13.49
N GLY B 23 30.62 4.30 14.12
CA GLY B 23 29.32 3.70 13.89
C GLY B 23 28.66 4.24 12.63
N SER B 24 29.37 4.09 11.51
CA SER B 24 29.01 4.79 10.26
C SER B 24 28.55 3.83 9.16
N CYS B 25 28.17 2.62 9.53
CA CYS B 25 27.69 1.64 8.54
C CYS B 25 26.60 2.22 7.65
N TRP B 26 25.75 3.04 8.22
CA TRP B 26 24.68 3.69 7.45
C TRP B 26 25.24 4.57 6.34
N ALA B 27 26.36 5.25 6.57
CA ALA B 27 26.94 6.12 5.55
C ALA B 27 27.54 5.30 4.40
N PHE B 28 28.18 4.14 4.72
CA PHE B 28 28.69 3.24 3.68
C PHE B 28 27.58 2.60 2.87
N SER B 29 26.51 2.13 3.51
CA SER B 29 25.37 1.61 2.77
C SER B 29 24.82 2.67 1.82
N ALA B 30 24.69 3.90 2.32
CA ALA B 30 24.16 5.00 1.51
C ALA B 30 25.10 5.33 0.36
N THR B 31 26.41 5.51 0.62
CA THR B 31 27.23 5.83 -0.55
C THR B 31 27.20 4.69 -1.57
N GLY B 32 27.13 3.44 -1.09
CA GLY B 32 27.09 2.31 -2.03
C GLY B 32 25.86 2.40 -2.94
N ALA B 33 24.70 2.69 -2.34
CA ALA B 33 23.50 2.78 -3.17
C ALA B 33 23.59 3.97 -4.13
N LEU B 34 24.15 5.09 -3.65
CA LEU B 34 24.23 6.28 -4.50
C LEU B 34 25.30 6.10 -5.59
N GLU B 35 26.41 5.44 -5.26
CA GLU B 35 27.37 5.07 -6.31
C GLU B 35 26.70 4.31 -7.42
N GLY B 36 25.85 3.34 -7.07
CA GLY B 36 25.16 2.54 -8.08
C GLY B 36 24.20 3.39 -8.90
N GLN B 37 23.40 4.25 -8.25
CA GLN B 37 22.43 5.02 -9.05
C GLN B 37 23.13 6.08 -9.88
N MET B 38 24.23 6.66 -9.36
CA MET B 38 24.96 7.61 -10.19
C MET B 38 25.52 6.91 -11.43
N PHE B 39 26.05 5.69 -11.26
CA PHE B 39 26.54 4.95 -12.43
C PHE B 39 25.42 4.66 -13.42
N ARG B 40 24.24 4.31 -12.90
CA ARG B 40 23.09 4.00 -13.74
C ARG B 40 22.73 5.20 -14.61
N LYS B 41 22.84 6.39 -14.02
CA LYS B 41 22.41 7.63 -14.66
C LYS B 41 23.50 8.23 -15.55
N THR B 42 24.77 8.09 -15.19
CA THR B 42 25.84 8.81 -15.88
C THR B 42 26.82 7.90 -16.58
N GLY B 43 26.82 6.60 -16.25
CA GLY B 43 27.84 5.75 -16.80
C GLY B 43 29.20 5.94 -16.15
N ARG B 44 29.29 6.64 -15.01
CA ARG B 44 30.58 6.76 -14.34
C ARG B 44 30.48 6.26 -12.91
N LEU B 45 31.38 5.37 -12.53
CA LEU B 45 31.48 4.93 -11.13
C LEU B 45 32.49 5.83 -10.42
N ILE B 46 32.04 6.60 -9.41
CA ILE B 46 32.93 7.45 -8.64
C ILE B 46 32.68 7.17 -7.16
N SER B 47 33.75 6.79 -6.46
CA SER B 47 33.62 6.51 -5.03
C SER B 47 33.25 7.79 -4.27
N LEU B 48 32.26 7.68 -3.36
CA LEU B 48 31.70 8.85 -2.69
C LEU B 48 32.13 8.92 -1.22
N SER B 49 31.99 10.13 -0.63
CA SER B 49 32.55 10.43 0.71
C SER B 49 31.56 10.05 1.83
N GLU B 50 31.88 8.98 2.58
CA GLU B 50 31.19 8.66 3.81
C GLU B 50 31.47 9.72 4.87
N GLN B 51 32.69 10.27 4.86
CA GLN B 51 33.03 11.33 5.82
C GLN B 51 32.10 12.53 5.67
N ASN B 52 31.80 12.92 4.43
CA ASN B 52 30.89 14.03 4.16
C ASN B 52 29.55 13.80 4.84
N LEU B 53 29.03 12.56 4.76
CA LEU B 53 27.78 12.22 5.44
C LEU B 53 27.96 12.22 6.95
N VAL B 54 29.05 11.63 7.45
CA VAL B 54 29.27 11.58 8.90
C VAL B 54 29.34 13.00 9.48
N ASP B 55 30.05 13.92 8.81
CA ASP B 55 30.26 15.26 9.36
C ASP B 55 29.06 16.18 9.16
N CYS B 56 28.27 15.97 8.09
CA CYS B 56 27.39 17.02 7.60
C CYS B 56 25.90 16.72 7.64
N SER B 57 25.47 15.46 7.77
CA SER B 57 24.06 15.10 7.66
C SER B 57 23.34 15.01 9.02
N GLY B 58 23.90 15.61 10.08
CA GLY B 58 23.16 15.76 11.32
C GLY B 58 21.82 16.44 11.14
N PRO B 59 21.73 17.49 10.32
CA PRO B 59 20.44 18.18 10.17
C PRO B 59 19.35 17.29 9.65
N GLN B 60 19.71 16.19 8.99
CA GLN B 60 18.70 15.26 8.50
C GLN B 60 18.39 14.11 9.46
N GLY B 61 19.02 14.05 10.63
CA GLY B 61 18.74 13.02 11.61
C GLY B 61 19.92 12.13 11.92
N ASN B 62 21.02 12.26 11.21
CA ASN B 62 22.12 11.34 11.42
C ASN B 62 22.97 11.81 12.59
N GLU B 63 23.68 10.87 13.19
CA GLU B 63 24.44 11.18 14.39
C GLU B 63 25.86 10.67 14.27
N GLY B 64 26.40 10.68 13.05
CA GLY B 64 27.85 10.52 12.91
C GLY B 64 28.27 9.13 13.28
N CYS B 65 29.25 9.01 14.20
CA CYS B 65 29.72 7.68 14.55
C CYS B 65 28.81 7.01 15.56
N ASN B 66 27.78 7.71 16.00
CA ASN B 66 26.82 7.15 16.91
C ASN B 66 25.58 6.59 16.21
N GLY B 67 25.59 6.46 14.89
CA GLY B 67 24.51 5.81 14.17
C GLY B 67 23.79 6.78 13.24
N GLY B 68 22.92 6.21 12.41
CA GLY B 68 22.27 7.03 11.39
C GLY B 68 21.46 6.13 10.50
N LEU B 69 20.85 6.72 9.46
CA LEU B 69 20.01 5.95 8.56
C LEU B 69 20.33 6.30 7.12
N MET B 70 20.24 5.31 6.25
CA MET B 70 20.54 5.57 4.84
C MET B 70 19.56 6.58 4.28
N ASP B 71 18.29 6.52 4.69
CA ASP B 71 17.34 7.48 4.09
C ASP B 71 17.67 8.92 4.47
N TYR B 72 18.11 9.15 5.71
CA TYR B 72 18.55 10.48 6.11
C TYR B 72 19.75 10.94 5.30
N ALA B 73 20.70 10.02 5.02
CA ALA B 73 21.80 10.36 4.10
C ALA B 73 21.29 10.73 2.71
N PHE B 74 20.34 9.99 2.15
CA PHE B 74 19.82 10.36 0.84
C PHE B 74 19.12 11.72 0.90
N GLN B 75 18.41 11.99 2.00
CA GLN B 75 17.79 13.32 2.19
C GLN B 75 18.84 14.43 2.24
N TYR B 76 19.94 14.19 2.95
CA TYR B 76 21.01 15.18 2.98
C TYR B 76 21.48 15.53 1.58
N VAL B 77 21.71 14.52 0.76
CA VAL B 77 22.26 14.82 -0.56
C VAL B 77 21.30 15.70 -1.33
N GLN B 78 20.00 15.42 -1.20
CA GLN B 78 18.99 16.27 -1.85
C GLN B 78 19.01 17.69 -1.28
N ASP B 79 18.97 17.81 0.06
CA ASP B 79 18.92 19.15 0.66
C ASP B 79 20.18 19.94 0.33
N ASN B 80 21.31 19.26 0.33
CA ASN B 80 22.61 19.91 0.19
C ASN B 80 22.92 20.25 -1.25
N GLY B 81 22.23 19.63 -2.21
CA GLY B 81 22.55 19.86 -3.60
C GLY B 81 23.76 19.09 -4.10
N GLY B 82 24.30 18.17 -3.31
CA GLY B 82 25.45 17.41 -3.78
C GLY B 82 26.12 16.63 -2.66
N LEU B 83 27.16 15.89 -3.06
CA LEU B 83 27.96 15.06 -2.18
C LEU B 83 29.35 14.96 -2.79
N ASP B 84 30.37 15.13 -1.95
CA ASP B 84 31.72 15.15 -2.49
C ASP B 84 32.20 13.73 -2.79
N SER B 85 33.18 13.65 -3.68
CA SER B 85 33.83 12.37 -3.94
C SER B 85 34.68 11.90 -2.75
N GLU B 86 34.89 10.58 -2.66
CA GLU B 86 35.78 9.98 -1.67
C GLU B 86 37.16 10.63 -1.72
N GLU B 87 37.68 10.80 -2.93
CA GLU B 87 39.01 11.36 -3.12
C GLU B 87 39.10 12.79 -2.55
N SER B 88 38.10 13.61 -2.82
CA SER B 88 38.12 15.00 -2.34
C SER B 88 37.89 15.13 -0.84
N TYR B 89 37.32 14.11 -0.19
CA TYR B 89 36.84 14.25 1.19
C TYR B 89 37.02 12.90 1.89
N PRO B 90 38.27 12.55 2.17
CA PRO B 90 38.58 11.16 2.51
C PRO B 90 38.10 10.78 3.91
N TYR B 91 38.06 9.47 4.14
CA TYR B 91 37.42 8.94 5.33
C TYR B 91 38.39 8.97 6.50
N GLU B 92 37.93 9.49 7.63
CA GLU B 92 38.75 9.64 8.82
C GLU B 92 38.31 8.77 9.99
N ALA B 93 37.10 8.19 9.93
CA ALA B 93 36.59 7.28 10.97
C ALA B 93 36.35 8.00 12.30
N THR B 94 36.07 9.29 12.26
CA THR B 94 35.70 10.01 13.47
C THR B 94 34.92 11.23 13.03
N GLU B 95 34.03 11.71 13.89
CA GLU B 95 33.17 12.83 13.52
C GLU B 95 33.93 14.13 13.67
N GLU B 96 33.83 14.98 12.65
CA GLU B 96 34.50 16.27 12.58
C GLU B 96 33.48 17.28 12.09
N SER B 97 33.86 18.55 12.10
CA SER B 97 32.97 19.55 11.54
C SER B 97 32.87 19.37 10.02
N CYS B 98 31.76 19.86 9.45
CA CYS B 98 31.48 19.65 8.04
C CYS B 98 32.45 20.43 7.16
N LYS B 99 33.05 19.76 6.17
CA LYS B 99 33.95 20.40 5.22
C LYS B 99 33.50 20.25 3.76
N TYR B 100 32.19 20.10 3.53
CA TYR B 100 31.67 19.96 2.18
C TYR B 100 32.08 21.14 1.30
N ASN B 101 32.51 20.84 0.09
CA ASN B 101 32.84 21.86 -0.90
C ASN B 101 32.09 21.56 -2.19
N PRO B 102 31.19 22.42 -2.65
CA PRO B 102 30.37 22.05 -3.82
C PRO B 102 31.18 21.90 -5.09
N LYS B 103 32.39 22.46 -5.14
CA LYS B 103 33.21 22.34 -6.33
C LYS B 103 33.62 20.88 -6.58
N TYR B 104 33.66 20.06 -5.51
CA TYR B 104 34.01 18.64 -5.61
C TYR B 104 32.80 17.72 -5.58
N SER B 105 31.59 18.25 -5.70
CA SER B 105 30.42 17.37 -5.69
C SER B 105 30.39 16.55 -6.96
N VAL B 106 30.12 15.25 -6.82
CA VAL B 106 30.04 14.36 -7.96
C VAL B 106 28.76 13.53 -7.98
N ALA B 107 27.86 13.75 -7.02
CA ALA B 107 26.61 13.00 -6.89
C ALA B 107 25.50 13.94 -6.43
N ASN B 108 24.26 13.54 -6.73
CA ASN B 108 23.06 14.32 -6.43
C ASN B 108 21.89 13.34 -6.36
N ASP B 109 20.82 13.74 -5.69
CA ASP B 109 19.61 12.93 -5.81
C ASP B 109 18.39 13.82 -5.57
N ALA B 110 17.22 13.25 -5.88
CA ALA B 110 15.98 13.96 -5.64
C ALA B 110 15.10 13.11 -4.72
N GLY B 111 15.68 12.68 -3.62
CA GLY B 111 14.94 11.93 -2.62
C GLY B 111 15.29 10.45 -2.65
N PHE B 112 14.35 9.60 -2.22
CA PHE B 112 14.64 8.18 -2.07
C PHE B 112 13.34 7.39 -2.14
N VAL B 113 13.49 6.09 -2.31
CA VAL B 113 12.40 5.13 -2.45
C VAL B 113 12.56 4.11 -1.33
N ASP B 114 11.52 3.96 -0.51
CA ASP B 114 11.48 2.85 0.43
C ASP B 114 10.73 1.70 -0.20
N ILE B 115 11.35 0.52 -0.26
CA ILE B 115 10.77 -0.65 -0.91
C ILE B 115 9.85 -1.33 0.11
N PRO B 116 8.70 -1.84 -0.30
CA PRO B 116 7.82 -2.52 0.64
C PRO B 116 8.49 -3.73 1.28
N LYS B 117 7.98 -4.11 2.45
CA LYS B 117 8.65 -5.08 3.34
C LYS B 117 8.39 -6.53 2.91
N GLN B 118 8.73 -6.84 1.66
CA GLN B 118 8.65 -8.19 1.10
C GLN B 118 9.94 -8.55 0.36
N GLU B 119 10.44 -9.76 0.59
CA GLU B 119 11.60 -10.19 -0.18
C GLU B 119 11.34 -10.19 -1.69
N LYS B 120 10.11 -10.46 -2.14
CA LYS B 120 9.86 -10.46 -3.59
C LYS B 120 10.01 -9.03 -4.15
N ALA B 121 9.57 -8.05 -3.38
CA ALA B 121 9.77 -6.64 -3.71
C ALA B 121 11.26 -6.30 -3.77
N LEU B 122 12.03 -6.75 -2.76
CA LEU B 122 13.46 -6.50 -2.80
C LEU B 122 14.10 -7.15 -4.02
N MET B 123 13.64 -8.36 -4.35
CA MET B 123 14.17 -9.11 -5.52
C MET B 123 13.95 -8.29 -6.79
N LYS B 124 12.75 -7.74 -6.99
CA LYS B 124 12.44 -6.95 -8.17
C LYS B 124 13.29 -5.68 -8.23
N ALA B 125 13.45 -5.02 -7.07
CA ALA B 125 14.26 -3.81 -7.03
C ALA B 125 15.72 -4.12 -7.38
N VAL B 126 16.30 -5.15 -6.76
CA VAL B 126 17.68 -5.51 -7.10
C VAL B 126 17.80 -5.82 -8.59
N ALA B 127 16.79 -6.49 -9.18
CA ALA B 127 16.92 -6.88 -10.58
C ALA B 127 16.83 -5.67 -11.51
N THR B 128 16.09 -4.61 -11.13
CA THR B 128 15.75 -3.57 -12.08
C THR B 128 16.34 -2.21 -11.74
N VAL B 129 16.83 -2.00 -10.53
CA VAL B 129 17.31 -0.69 -10.09
C VAL B 129 18.83 -0.66 -10.01
N GLY B 130 19.41 -1.68 -9.36
CA GLY B 130 20.83 -1.68 -9.07
C GLY B 130 21.00 -2.06 -7.62
N PRO B 131 22.16 -1.76 -7.04
CA PRO B 131 22.40 -2.08 -5.63
C PRO B 131 21.43 -1.34 -4.71
N ILE B 132 21.05 -2.01 -3.60
CA ILE B 132 19.97 -1.52 -2.74
C ILE B 132 20.50 -1.43 -1.31
N SER B 133 20.32 -0.28 -0.64
CA SER B 133 20.64 -0.24 0.79
C SER B 133 19.64 -1.09 1.60
N VAL B 134 20.15 -1.85 2.59
CA VAL B 134 19.30 -2.65 3.47
C VAL B 134 19.82 -2.53 4.89
N ALA B 135 18.91 -2.76 5.86
CA ALA B 135 19.25 -2.93 7.26
C ALA B 135 19.08 -4.41 7.60
N ILE B 136 20.02 -4.95 8.34
CA ILE B 136 19.94 -6.36 8.76
C ILE B 136 20.22 -6.46 10.25
N ASP B 137 19.76 -7.55 10.83
CA ASP B 137 20.13 -7.89 12.21
C ASP B 137 21.50 -8.54 12.12
N ALA B 138 22.55 -7.79 12.43
CA ALA B 138 23.91 -8.29 12.48
C ALA B 138 24.39 -8.48 13.92
N GLY B 139 23.47 -8.48 14.88
CA GLY B 139 23.83 -8.41 16.29
C GLY B 139 24.09 -9.79 16.87
N HIS B 140 24.79 -10.62 16.12
CA HIS B 140 25.13 -11.97 16.56
C HIS B 140 26.60 -12.24 16.29
N GLU B 141 27.25 -13.00 17.17
CA GLU B 141 28.67 -13.23 16.91
C GLU B 141 28.89 -14.06 15.65
N SER B 142 27.92 -14.90 15.28
CA SER B 142 28.03 -15.59 14.01
C SER B 142 28.25 -14.62 12.85
N PHE B 143 27.66 -13.41 12.92
CA PHE B 143 27.91 -12.48 11.82
C PHE B 143 29.31 -11.87 11.92
N LEU B 144 29.74 -11.52 13.13
CA LEU B 144 31.10 -11.06 13.34
C LEU B 144 32.12 -12.04 12.76
N PHE B 145 31.86 -13.34 12.92
CA PHE B 145 32.83 -14.38 12.61
C PHE B 145 32.64 -14.97 11.23
N TYR B 146 31.70 -14.43 10.45
CA TYR B 146 31.39 -15.01 9.15
C TYR B 146 32.62 -14.96 8.24
N LYS B 147 32.80 -16.03 7.47
CA LYS B 147 33.95 -16.21 6.58
C LYS B 147 33.53 -16.67 5.19
N GLU B 148 32.62 -17.62 5.09
CA GLU B 148 32.21 -18.21 3.81
C GLU B 148 30.86 -18.87 3.98
N GLY B 149 30.21 -19.21 2.84
CA GLY B 149 28.97 -19.93 2.90
C GLY B 149 27.74 -19.04 2.94
N ILE B 150 26.57 -19.68 2.99
CA ILE B 150 25.29 -18.98 3.08
C ILE B 150 24.95 -18.74 4.54
N TYR B 151 24.90 -17.47 4.93
CA TYR B 151 24.72 -17.08 6.32
C TYR B 151 23.29 -17.31 6.79
N PHE B 152 23.12 -18.08 7.85
CA PHE B 152 21.83 -18.27 8.47
C PHE B 152 22.05 -18.34 9.97
N GLU B 153 21.31 -17.53 10.71
CA GLU B 153 21.49 -17.39 12.14
C GLU B 153 20.16 -17.64 12.81
N PRO B 154 19.99 -18.76 13.51
CA PRO B 154 18.67 -19.10 14.07
C PRO B 154 18.04 -18.02 14.95
N ASP B 155 18.83 -17.24 15.67
CA ASP B 155 18.32 -16.21 16.56
C ASP B 155 18.08 -14.87 15.83
N CYS B 156 18.20 -14.85 14.50
CA CYS B 156 18.13 -13.58 13.76
C CYS B 156 16.70 -13.04 13.76
N SER B 157 16.57 -11.74 13.98
CA SER B 157 15.26 -11.10 13.99
C SER B 157 14.92 -10.62 12.58
N SER B 158 13.65 -10.73 12.20
CA SER B 158 13.22 -10.16 10.92
C SER B 158 12.68 -8.77 11.07
N GLU B 159 12.58 -8.29 12.30
CA GLU B 159 11.95 -7.02 12.64
C GLU B 159 12.90 -6.02 13.24
N ASP B 160 13.93 -6.45 13.98
CA ASP B 160 14.79 -5.53 14.71
C ASP B 160 16.17 -5.57 14.10
N MET B 161 16.48 -4.61 13.24
CA MET B 161 17.77 -4.62 12.55
C MET B 161 18.70 -3.58 13.15
N ASP B 162 20.02 -3.81 12.98
CA ASP B 162 20.95 -2.90 13.61
C ASP B 162 22.14 -2.50 12.73
N HIS B 163 22.17 -2.88 11.47
CA HIS B 163 23.38 -2.73 10.68
C HIS B 163 22.99 -2.44 9.23
N GLY B 164 23.52 -1.37 8.65
CA GLY B 164 23.25 -1.05 7.25
C GLY B 164 24.32 -1.61 6.33
N VAL B 165 23.87 -2.29 5.27
CA VAL B 165 24.78 -2.89 4.27
C VAL B 165 24.12 -2.70 2.90
N LEU B 166 24.65 -3.38 1.88
CA LEU B 166 24.29 -3.08 0.49
C LEU B 166 24.08 -4.38 -0.28
N VAL B 167 22.87 -4.60 -0.79
CA VAL B 167 22.61 -5.79 -1.61
C VAL B 167 23.06 -5.49 -3.02
N VAL B 168 24.02 -6.27 -3.55
CA VAL B 168 24.47 -6.02 -4.92
C VAL B 168 24.02 -7.10 -5.88
N GLY B 169 23.27 -8.09 -5.41
CA GLY B 169 22.84 -9.14 -6.29
C GLY B 169 22.12 -10.21 -5.50
N TYR B 170 21.85 -11.32 -6.18
CA TYR B 170 21.31 -12.51 -5.53
C TYR B 170 21.59 -13.70 -6.42
N GLY B 171 21.50 -14.89 -5.83
CA GLY B 171 21.96 -16.07 -6.52
C GLY B 171 21.31 -17.29 -5.90
N PHE B 172 21.67 -18.44 -6.45
CA PHE B 172 21.00 -19.67 -6.10
C PHE B 172 22.03 -20.74 -5.80
N GLU B 173 21.56 -21.76 -5.07
CA GLU B 173 22.31 -22.99 -4.85
C GLU B 173 22.47 -23.79 -6.15
N SER B 174 21.37 -24.05 -6.86
CA SER B 174 21.38 -24.64 -8.19
C SER B 174 20.12 -24.20 -8.93
N THR B 175 20.16 -24.28 -10.27
CA THR B 175 19.09 -23.73 -11.09
C THR B 175 17.71 -24.20 -10.65
N GLU B 176 17.57 -25.51 -10.44
CA GLU B 176 16.31 -26.12 -10.00
C GLU B 176 16.34 -26.46 -8.52
N SER B 177 16.66 -25.49 -7.67
CA SER B 177 16.71 -25.69 -6.23
C SER B 177 16.11 -24.47 -5.53
N ASP B 178 15.00 -24.67 -4.80
CA ASP B 178 14.47 -23.64 -3.91
C ASP B 178 15.35 -23.42 -2.69
N ASN B 179 16.35 -24.29 -2.47
CA ASN B 179 17.15 -24.29 -1.26
C ASN B 179 18.35 -23.38 -1.42
N ASN B 180 18.71 -22.71 -0.33
CA ASN B 180 19.96 -21.98 -0.26
C ASN B 180 20.11 -21.01 -1.44
N LYS B 181 19.05 -20.24 -1.68
CA LYS B 181 19.23 -18.99 -2.41
C LYS B 181 19.88 -17.97 -1.49
N TYR B 182 20.51 -16.95 -2.07
CA TYR B 182 21.15 -15.98 -1.20
C TYR B 182 21.06 -14.59 -1.81
N TRP B 183 21.09 -13.61 -0.94
CA TRP B 183 21.39 -12.22 -1.30
C TRP B 183 22.90 -12.03 -1.28
N LEU B 184 23.44 -11.33 -2.27
CA LEU B 184 24.87 -11.01 -2.28
C LEU B 184 25.04 -9.64 -1.64
N VAL B 185 25.70 -9.58 -0.50
CA VAL B 185 25.68 -8.38 0.34
C VAL B 185 27.11 -7.85 0.53
N LYS B 186 27.31 -6.58 0.19
CA LYS B 186 28.56 -5.86 0.42
C LYS B 186 28.54 -5.29 1.84
N ASN B 187 29.52 -5.67 2.65
CA ASN B 187 29.69 -5.07 3.97
C ASN B 187 30.74 -3.97 3.90
N SER B 188 30.96 -3.30 5.04
CA SER B 188 31.88 -2.16 5.15
C SER B 188 32.91 -2.39 6.26
N TRP B 189 33.31 -3.66 6.44
CA TRP B 189 34.27 -4.03 7.47
C TRP B 189 35.61 -4.41 6.85
N GLY B 190 35.87 -3.96 5.62
CA GLY B 190 37.10 -4.31 4.94
C GLY B 190 37.08 -5.67 4.25
N GLU B 191 38.12 -5.95 3.48
CA GLU B 191 38.02 -7.14 2.65
C GLU B 191 38.51 -8.40 3.38
N GLU B 192 39.04 -8.26 4.58
CA GLU B 192 39.45 -9.42 5.38
C GLU B 192 38.25 -10.09 6.03
N TRP B 193 37.19 -9.34 6.31
CA TRP B 193 35.97 -9.93 6.87
C TRP B 193 35.21 -10.70 5.79
N GLY B 194 34.63 -11.83 6.18
CA GLY B 194 33.78 -12.59 5.27
C GLY B 194 34.51 -12.98 3.99
N MET B 195 33.78 -12.91 2.87
CA MET B 195 34.23 -13.41 1.58
C MET B 195 34.73 -12.21 0.79
N GLY B 196 35.99 -11.85 1.02
CA GLY B 196 36.45 -10.61 0.41
C GLY B 196 35.63 -9.41 0.84
N GLY B 197 34.97 -9.48 2.00
CA GLY B 197 34.19 -8.36 2.48
C GLY B 197 32.72 -8.46 2.14
N TYR B 198 32.31 -9.54 1.48
CA TYR B 198 30.94 -9.87 1.10
C TYR B 198 30.41 -11.01 1.96
N VAL B 199 29.09 -11.07 2.05
CA VAL B 199 28.40 -12.16 2.75
C VAL B 199 27.23 -12.58 1.87
N LYS B 200 27.05 -13.89 1.76
CA LYS B 200 25.85 -14.44 1.13
C LYS B 200 24.81 -14.69 2.22
N MET B 201 23.76 -13.89 2.27
N MET B 201 23.77 -13.86 2.27
CA MET B 201 22.75 -14.02 3.31
CA MET B 201 22.71 -13.97 3.26
C MET B 201 21.53 -14.78 2.81
C MET B 201 21.57 -14.85 2.76
N ALA B 202 21.07 -15.74 3.63
CA ALA B 202 19.90 -16.54 3.29
C ALA B 202 18.78 -15.68 2.69
N LYS B 203 18.33 -16.08 1.49
CA LYS B 203 17.26 -15.44 0.75
C LYS B 203 16.04 -16.36 0.71
N ASP B 204 14.86 -15.73 0.79
CA ASP B 204 13.57 -16.42 0.72
C ASP B 204 13.42 -17.46 1.84
N ARG B 205 13.92 -17.11 3.03
CA ARG B 205 13.72 -17.90 4.22
C ARG B 205 13.09 -16.99 5.28
N ARG B 206 11.84 -16.58 5.03
CA ARG B 206 11.07 -15.77 5.99
C ARG B 206 11.76 -14.43 6.26
N ASN B 207 12.29 -13.80 5.21
CA ASN B 207 12.94 -12.49 5.33
C ASN B 207 14.00 -12.51 6.45
N HIS B 208 14.98 -13.39 6.28
CA HIS B 208 15.97 -13.68 7.32
C HIS B 208 16.82 -12.46 7.67
N CYS B 209 16.98 -12.22 8.97
CA CYS B 209 17.65 -11.05 9.53
C CYS B 209 17.03 -9.74 9.08
N GLY B 210 15.84 -9.77 8.49
CA GLY B 210 15.15 -8.50 8.24
C GLY B 210 15.65 -7.79 7.00
N ILE B 211 16.36 -8.49 6.13
CA ILE B 211 17.03 -7.83 5.00
C ILE B 211 16.05 -7.07 4.11
N ALA B 212 14.79 -7.51 4.02
CA ALA B 212 13.78 -6.82 3.21
C ALA B 212 12.90 -5.91 4.03
N SER B 213 13.24 -5.71 5.31
CA SER B 213 12.38 -4.92 6.17
C SER B 213 12.59 -3.41 6.06
N ALA B 214 13.74 -2.95 5.58
CA ALA B 214 14.00 -1.50 5.52
C ALA B 214 14.98 -1.22 4.39
N ALA B 215 14.59 -1.69 3.19
CA ALA B 215 15.39 -1.54 1.98
C ALA B 215 15.03 -0.22 1.28
N SER B 216 16.01 0.47 0.72
CA SER B 216 15.72 1.74 0.04
C SER B 216 16.87 2.08 -0.90
N TYR B 217 16.66 3.12 -1.70
CA TYR B 217 17.70 3.59 -2.60
C TYR B 217 17.37 5.01 -3.00
N PRO B 218 18.36 5.77 -3.46
CA PRO B 218 18.10 7.17 -3.75
C PRO B 218 17.49 7.34 -5.12
N THR B 219 16.68 8.40 -5.23
CA THR B 219 16.09 8.79 -6.50
C THR B 219 17.08 9.60 -7.33
N VAL B 220 17.48 9.09 -8.50
CA VAL B 220 18.43 9.79 -9.34
C VAL B 220 17.91 9.79 -10.78
N ALA C 1 -32.95 -17.08 10.42
CA ALA C 1 -31.60 -16.60 10.68
C ALA C 1 -31.67 -15.13 11.08
N PRO C 2 -30.63 -14.60 11.72
CA PRO C 2 -30.68 -13.20 12.18
C PRO C 2 -30.84 -12.25 11.01
N ARG C 3 -31.21 -10.99 11.32
CA ARG C 3 -31.40 -10.04 10.23
C ARG C 3 -30.06 -9.56 9.67
N SER C 4 -29.02 -9.59 10.49
CA SER C 4 -27.68 -9.26 10.01
C SER C 4 -26.65 -10.10 10.77
N VAL C 5 -25.53 -10.38 10.09
CA VAL C 5 -24.47 -11.21 10.62
C VAL C 5 -23.13 -10.61 10.22
N ASP C 6 -22.17 -10.62 11.15
CA ASP C 6 -20.81 -10.17 10.82
C ASP C 6 -19.82 -10.97 11.65
N TRP C 7 -19.28 -12.05 11.06
CA TRP C 7 -18.41 -12.93 11.82
C TRP C 7 -17.14 -12.25 12.28
N ARG C 8 -16.74 -11.13 11.66
CA ARG C 8 -15.57 -10.41 12.16
C ARG C 8 -15.73 -10.04 13.64
N GLU C 9 -16.95 -9.70 14.04
CA GLU C 9 -17.20 -9.29 15.42
C GLU C 9 -17.03 -10.44 16.41
N LYS C 10 -17.07 -11.69 15.94
CA LYS C 10 -16.98 -12.83 16.85
C LYS C 10 -15.62 -13.50 16.80
N GLY C 11 -14.65 -12.92 16.08
CA GLY C 11 -13.30 -13.40 16.11
C GLY C 11 -12.96 -14.42 15.05
N TYR C 12 -13.83 -14.58 14.05
CA TYR C 12 -13.66 -15.65 13.05
C TYR C 12 -12.74 -15.28 11.88
N VAL C 13 -12.31 -14.00 11.77
CA VAL C 13 -11.77 -13.50 10.49
C VAL C 13 -10.44 -12.81 10.73
N THR C 14 -9.44 -13.20 9.94
CA THR C 14 -8.12 -12.59 9.98
C THR C 14 -8.15 -11.28 9.21
N PRO C 15 -7.09 -10.48 9.32
CA PRO C 15 -6.99 -9.25 8.51
C PRO C 15 -7.02 -9.55 7.03
N VAL C 16 -7.36 -8.51 6.26
CA VAL C 16 -7.35 -8.63 4.80
C VAL C 16 -5.93 -8.85 4.31
N LYS C 17 -5.76 -9.73 3.32
CA LYS C 17 -4.48 -10.12 2.75
C LYS C 17 -4.43 -9.61 1.32
N ASN C 18 -3.27 -9.72 0.68
CA ASN C 18 -3.11 -9.26 -0.70
C ASN C 18 -2.46 -10.39 -1.51
N GLN C 19 -3.21 -10.91 -2.48
CA GLN C 19 -2.69 -12.00 -3.30
C GLN C 19 -1.66 -11.52 -4.33
N GLY C 20 -1.62 -10.23 -4.60
CA GLY C 20 -0.66 -9.75 -5.59
C GLY C 20 -1.02 -10.22 -6.98
N GLN C 21 0.02 -10.41 -7.81
CA GLN C 21 -0.14 -10.66 -9.24
C GLN C 21 -0.29 -12.15 -9.56
N CYS C 22 -0.52 -12.96 -8.55
CA CYS C 22 -0.64 -14.41 -8.71
C CYS C 22 -2.10 -14.81 -8.65
N GLY C 23 -2.51 -15.71 -9.56
CA GLY C 23 -3.91 -16.10 -9.67
C GLY C 23 -4.38 -17.04 -8.56
N SER C 24 -4.18 -16.63 -7.31
CA SER C 24 -4.38 -17.54 -6.17
C SER C 24 -5.58 -17.17 -5.31
N CYS C 25 -6.57 -16.47 -5.88
CA CYS C 25 -7.72 -16.05 -5.07
C CYS C 25 -8.35 -17.26 -4.39
N TRP C 26 -8.43 -18.38 -5.11
CA TRP C 26 -9.01 -19.62 -4.57
C TRP C 26 -8.34 -20.02 -3.26
N ALA C 27 -7.03 -19.79 -3.12
CA ALA C 27 -6.31 -20.20 -1.92
C ALA C 27 -6.63 -19.27 -0.76
N PHE C 28 -6.78 -17.95 -1.04
CA PHE C 28 -7.20 -17.02 -0.01
C PHE C 28 -8.64 -17.27 0.42
N SER C 29 -9.53 -17.60 -0.52
CA SER C 29 -10.89 -17.96 -0.11
C SER C 29 -10.87 -19.20 0.78
N ALA C 30 -10.08 -20.20 0.40
CA ALA C 30 -9.97 -21.42 1.20
C ALA C 30 -9.40 -21.14 2.59
N THR C 31 -8.25 -20.45 2.67
CA THR C 31 -7.73 -20.22 4.02
C THR C 31 -8.72 -19.42 4.84
N GLY C 32 -9.37 -18.41 4.23
CA GLY C 32 -10.41 -17.65 4.94
C GLY C 32 -11.45 -18.56 5.56
N ALA C 33 -11.98 -19.51 4.77
CA ALA C 33 -13.04 -20.37 5.28
C ALA C 33 -12.50 -21.31 6.33
N LEU C 34 -11.29 -21.87 6.11
CA LEU C 34 -10.71 -22.78 7.11
C LEU C 34 -10.33 -22.01 8.38
N GLU C 35 -9.85 -20.76 8.25
CA GLU C 35 -9.54 -19.97 9.45
C GLU C 35 -10.78 -19.84 10.33
N GLY C 36 -11.94 -19.62 9.70
CA GLY C 36 -13.17 -19.46 10.44
C GLY C 36 -13.62 -20.74 11.11
N GLN C 37 -13.53 -21.86 10.39
CA GLN C 37 -13.99 -23.12 10.97
C GLN C 37 -13.05 -23.61 12.04
N MET C 38 -11.74 -23.37 11.88
CA MET C 38 -10.79 -23.71 12.93
C MET C 38 -11.05 -22.86 14.19
N PHE C 39 -11.39 -21.59 14.02
CA PHE C 39 -11.74 -20.80 15.21
C PHE C 39 -13.03 -21.31 15.84
N ARG C 40 -14.00 -21.66 15.00
CA ARG C 40 -15.25 -22.24 15.52
C ARG C 40 -15.00 -23.50 16.34
N LYS C 41 -14.00 -24.29 15.97
CA LYS C 41 -13.74 -25.55 16.66
C LYS C 41 -12.91 -25.35 17.93
N THR C 42 -11.93 -24.46 17.87
CA THR C 42 -10.92 -24.35 18.89
C THR C 42 -10.94 -23.04 19.67
N GLY C 43 -11.56 -21.99 19.16
CA GLY C 43 -11.40 -20.70 19.81
C GLY C 43 -10.10 -19.98 19.52
N ARG C 44 -9.28 -20.49 18.61
CA ARG C 44 -8.03 -19.85 18.24
C ARG C 44 -8.10 -19.43 16.79
N LEU C 45 -7.79 -18.17 16.53
CA LEU C 45 -7.70 -17.65 15.16
C LEU C 45 -6.23 -17.66 14.75
N ILE C 46 -5.86 -18.49 13.78
CA ILE C 46 -4.49 -18.50 13.28
C ILE C 46 -4.52 -18.30 11.77
N SER C 47 -3.84 -17.27 11.27
CA SER C 47 -3.72 -17.10 9.82
C SER C 47 -3.00 -18.30 9.20
N LEU C 48 -3.54 -18.79 8.09
CA LEU C 48 -3.12 -20.02 7.43
C LEU C 48 -2.41 -19.70 6.12
N SER C 49 -1.62 -20.68 5.62
CA SER C 49 -0.64 -20.42 4.56
C SER C 49 -1.27 -20.63 3.19
N GLU C 50 -1.49 -19.53 2.45
CA GLU C 50 -1.90 -19.68 1.04
C GLU C 50 -0.78 -20.32 0.22
N GLN C 51 0.46 -19.96 0.52
CA GLN C 51 1.58 -20.52 -0.24
C GLN C 51 1.58 -22.03 -0.16
N ASN C 52 1.29 -22.58 1.03
CA ASN C 52 1.17 -24.04 1.17
C ASN C 52 0.21 -24.60 0.13
N LEU C 53 -0.97 -23.95 -0.04
CA LEU C 53 -1.94 -24.43 -1.02
C LEU C 53 -1.42 -24.27 -2.45
N VAL C 54 -0.87 -23.10 -2.76
CA VAL C 54 -0.34 -22.85 -4.12
C VAL C 54 0.71 -23.89 -4.48
N ASP C 55 1.60 -24.20 -3.55
CA ASP C 55 2.75 -25.04 -3.89
C ASP C 55 2.40 -26.53 -3.90
N CYS C 56 1.35 -26.94 -3.15
CA CYS C 56 1.23 -28.33 -2.73
C CYS C 56 -0.04 -29.04 -3.19
N SER C 57 -1.09 -28.32 -3.58
CA SER C 57 -2.40 -28.91 -3.84
C SER C 57 -2.61 -29.19 -5.33
N GLY C 58 -1.53 -29.25 -6.09
CA GLY C 58 -1.61 -29.74 -7.45
C GLY C 58 -2.30 -31.08 -7.59
N PRO C 59 -1.96 -32.08 -6.76
CA PRO C 59 -2.59 -33.41 -6.94
C PRO C 59 -4.09 -33.36 -6.79
N GLN C 60 -4.63 -32.34 -6.11
CA GLN C 60 -6.08 -32.27 -5.97
C GLN C 60 -6.75 -31.54 -7.15
N GLY C 61 -5.98 -31.00 -8.09
CA GLY C 61 -6.55 -30.32 -9.24
C GLY C 61 -6.20 -28.85 -9.32
N ASN C 62 -5.50 -28.29 -8.34
CA ASN C 62 -5.18 -26.87 -8.38
C ASN C 62 -3.95 -26.62 -9.22
N GLU C 63 -3.89 -25.40 -9.76
CA GLU C 63 -2.83 -25.01 -10.67
C GLU C 63 -2.13 -23.73 -10.20
N GLY C 64 -1.97 -23.56 -8.89
CA GLY C 64 -1.10 -22.49 -8.40
C GLY C 64 -1.61 -21.10 -8.76
N CYS C 65 -0.71 -20.29 -9.36
CA CYS C 65 -1.07 -18.95 -9.82
C CYS C 65 -1.92 -18.98 -11.07
N ASN C 66 -2.08 -20.15 -11.68
CA ASN C 66 -2.93 -20.30 -12.87
C ASN C 66 -4.36 -20.65 -12.52
N GLY C 67 -4.73 -20.66 -11.24
CA GLY C 67 -6.12 -20.85 -10.87
C GLY C 67 -6.29 -22.14 -10.07
N GLY C 68 -7.50 -22.31 -9.54
CA GLY C 68 -7.76 -23.43 -8.66
C GLY C 68 -9.14 -23.32 -8.06
N LEU C 69 -9.45 -24.23 -7.15
CA LEU C 69 -10.79 -24.25 -6.57
C LEU C 69 -10.68 -24.38 -5.06
N MET C 70 -11.57 -23.70 -4.33
CA MET C 70 -11.56 -23.83 -2.87
C MET C 70 -11.78 -25.27 -2.46
N ASP C 71 -12.71 -25.98 -3.12
CA ASP C 71 -12.98 -27.36 -2.69
C ASP C 71 -11.74 -28.23 -2.88
N TYR C 72 -11.00 -28.02 -3.98
CA TYR C 72 -9.75 -28.77 -4.15
C TYR C 72 -8.78 -28.48 -3.03
N ALA C 73 -8.70 -27.21 -2.60
CA ALA C 73 -7.87 -26.88 -1.43
C ALA C 73 -8.35 -27.59 -0.17
N PHE C 74 -9.67 -27.63 0.09
CA PHE C 74 -10.13 -28.36 1.28
C PHE C 74 -9.80 -29.84 1.14
N GLN C 75 -9.92 -30.38 -0.07
CA GLN C 75 -9.56 -31.78 -0.30
C GLN C 75 -8.10 -32.03 0.02
N TYR C 76 -7.22 -31.09 -0.34
CA TYR C 76 -5.78 -31.24 -0.09
C TYR C 76 -5.50 -31.29 1.40
N VAL C 77 -6.11 -30.37 2.18
CA VAL C 77 -5.85 -30.38 3.63
C VAL C 77 -6.27 -31.72 4.23
N GLN C 78 -7.41 -32.28 3.80
CA GLN C 78 -7.81 -33.62 4.23
C GLN C 78 -6.76 -34.66 3.84
N ASP C 79 -6.37 -34.66 2.57
CA ASP C 79 -5.46 -35.70 2.07
C ASP C 79 -4.11 -35.60 2.76
N ASN C 80 -3.67 -34.38 2.97
CA ASN C 80 -2.34 -34.08 3.48
C ASN C 80 -2.26 -34.27 4.98
N GLY C 81 -3.39 -34.24 5.69
CA GLY C 81 -3.33 -34.31 7.13
C GLY C 81 -2.96 -33.02 7.82
N GLY C 82 -2.98 -31.88 7.14
CA GLY C 82 -2.75 -30.63 7.83
C GLY C 82 -2.43 -29.51 6.87
N LEU C 83 -2.13 -28.36 7.44
CA LEU C 83 -1.86 -27.16 6.67
C LEU C 83 -1.05 -26.22 7.56
N ASP C 84 0.02 -25.66 7.02
CA ASP C 84 0.90 -24.85 7.85
C ASP C 84 0.31 -23.47 8.07
N SER C 85 0.81 -22.82 9.12
CA SER C 85 0.41 -21.45 9.40
C SER C 85 1.02 -20.49 8.39
N GLU C 86 0.35 -19.34 8.24
CA GLU C 86 0.87 -18.24 7.44
C GLU C 86 2.27 -17.85 7.88
N GLU C 87 2.47 -17.73 9.20
CA GLU C 87 3.76 -17.29 9.73
C GLU C 87 4.88 -18.26 9.39
N SER C 88 4.60 -19.59 9.48
CA SER C 88 5.59 -20.62 9.18
C SER C 88 5.87 -20.79 7.70
N TYR C 89 4.97 -20.35 6.83
CA TYR C 89 5.05 -20.63 5.40
C TYR C 89 4.45 -19.43 4.65
N PRO C 90 5.17 -18.30 4.63
CA PRO C 90 4.58 -17.04 4.18
C PRO C 90 4.40 -16.95 2.67
N TYR C 91 3.66 -15.92 2.26
CA TYR C 91 3.14 -15.81 0.92
C TYR C 91 4.17 -15.18 -0.01
N GLU C 92 4.41 -15.82 -1.17
CA GLU C 92 5.41 -15.38 -2.16
C GLU C 92 4.82 -14.95 -3.50
N ALA C 93 3.52 -15.11 -3.71
CA ALA C 93 2.85 -14.72 -4.94
C ALA C 93 3.50 -15.35 -6.17
N THR C 94 4.08 -16.54 -6.02
CA THR C 94 4.59 -17.30 -7.15
C THR C 94 4.72 -18.77 -6.72
N GLU C 95 4.58 -19.69 -7.68
CA GLU C 95 4.50 -21.11 -7.35
C GLU C 95 5.90 -21.73 -7.27
N GLU C 96 6.12 -22.55 -6.25
CA GLU C 96 7.41 -23.20 -6.01
C GLU C 96 7.15 -24.66 -5.61
N SER C 97 8.22 -25.41 -5.40
CA SER C 97 8.00 -26.77 -4.91
C SER C 97 7.40 -26.71 -3.51
N CYS C 98 6.68 -27.76 -3.15
CA CYS C 98 5.99 -27.85 -1.87
C CYS C 98 6.99 -27.89 -0.72
N LYS C 99 6.77 -27.04 0.30
CA LYS C 99 7.63 -27.00 1.49
C LYS C 99 6.86 -27.33 2.77
N TYR C 100 5.75 -28.05 2.64
CA TYR C 100 4.94 -28.38 3.81
C TYR C 100 5.76 -29.09 4.89
N ASN C 101 5.58 -28.65 6.12
CA ASN C 101 6.22 -29.28 7.28
C ASN C 101 5.13 -29.66 8.27
N PRO C 102 4.91 -30.96 8.54
CA PRO C 102 3.81 -31.31 9.45
C PRO C 102 4.02 -30.71 10.82
N LYS C 103 5.27 -30.44 11.18
CA LYS C 103 5.51 -29.90 12.51
C LYS C 103 4.89 -28.52 12.67
N TYR C 104 4.63 -27.81 11.58
CA TYR C 104 4.03 -26.48 11.62
C TYR C 104 2.57 -26.48 11.18
N SER C 105 1.94 -27.64 11.06
CA SER C 105 0.50 -27.67 10.78
C SER C 105 -0.27 -27.06 11.94
N VAL C 106 -1.24 -26.20 11.62
CA VAL C 106 -2.12 -25.64 12.63
C VAL C 106 -3.58 -25.88 12.29
N ALA C 107 -3.87 -26.60 11.22
CA ALA C 107 -5.26 -26.75 10.80
C ALA C 107 -5.41 -28.10 10.12
N ASN C 108 -6.63 -28.64 10.14
CA ASN C 108 -6.97 -29.86 9.42
C ASN C 108 -8.43 -29.75 9.02
N ASP C 109 -8.86 -30.64 8.13
CA ASP C 109 -10.27 -30.80 7.86
C ASP C 109 -10.52 -32.23 7.41
N ALA C 110 -11.79 -32.59 7.46
CA ALA C 110 -12.28 -33.93 7.19
C ALA C 110 -13.14 -33.97 5.93
N GLY C 111 -12.89 -33.02 5.02
CA GLY C 111 -13.70 -32.85 3.84
C GLY C 111 -14.33 -31.48 3.79
N PHE C 112 -15.42 -31.36 3.03
CA PHE C 112 -16.06 -30.06 2.80
C PHE C 112 -17.51 -30.29 2.44
N VAL C 113 -18.27 -29.20 2.51
CA VAL C 113 -19.70 -29.16 2.28
C VAL C 113 -19.97 -28.10 1.22
N ASP C 114 -20.54 -28.52 0.08
CA ASP C 114 -21.05 -27.61 -0.92
C ASP C 114 -22.51 -27.26 -0.61
N ILE C 115 -22.83 -25.97 -0.69
CA ILE C 115 -24.15 -25.49 -0.27
C ILE C 115 -25.08 -25.45 -1.48
N PRO C 116 -26.36 -25.76 -1.32
CA PRO C 116 -27.28 -25.71 -2.47
C PRO C 116 -27.25 -24.32 -3.08
N LYS C 117 -27.37 -24.26 -4.42
CA LYS C 117 -27.12 -23.03 -5.18
C LYS C 117 -28.31 -22.06 -5.11
N GLN C 118 -28.61 -21.59 -3.90
CA GLN C 118 -29.63 -20.56 -3.72
C GLN C 118 -29.24 -19.62 -2.60
N GLU C 119 -29.59 -18.33 -2.75
CA GLU C 119 -29.19 -17.32 -1.76
C GLU C 119 -29.83 -17.56 -0.40
N LYS C 120 -30.97 -18.21 -0.36
CA LYS C 120 -31.58 -18.55 0.97
C LYS C 120 -30.70 -19.61 1.65
N ALA C 121 -30.20 -20.59 0.91
CA ALA C 121 -29.32 -21.59 1.51
C ALA C 121 -28.01 -20.95 1.97
N LEU C 122 -27.43 -20.11 1.12
CA LEU C 122 -26.24 -19.38 1.50
C LEU C 122 -26.48 -18.59 2.79
N MET C 123 -27.63 -17.92 2.90
CA MET C 123 -27.88 -17.15 4.11
C MET C 123 -27.92 -18.03 5.35
N LYS C 124 -28.59 -19.18 5.27
CA LYS C 124 -28.61 -20.11 6.42
C LYS C 124 -27.22 -20.58 6.76
N ALA C 125 -26.40 -20.87 5.74
CA ALA C 125 -25.02 -21.30 5.99
C ALA C 125 -24.24 -20.20 6.70
N VAL C 126 -24.27 -18.99 6.15
CA VAL C 126 -23.57 -17.90 6.81
C VAL C 126 -24.04 -17.78 8.25
N ALA C 127 -25.35 -17.87 8.48
CA ALA C 127 -25.88 -17.63 9.82
C ALA C 127 -25.45 -18.71 10.82
N THR C 128 -25.36 -19.97 10.38
CA THR C 128 -25.15 -21.09 11.31
C THR C 128 -23.75 -21.70 11.30
N VAL C 129 -22.96 -21.47 10.26
CA VAL C 129 -21.67 -22.12 10.10
C VAL C 129 -20.51 -21.18 10.36
N GLY C 130 -20.54 -19.98 9.77
CA GLY C 130 -19.40 -19.09 9.82
C GLY C 130 -19.11 -18.60 8.41
N PRO C 131 -17.93 -18.03 8.20
CA PRO C 131 -17.60 -17.52 6.86
C PRO C 131 -17.61 -18.64 5.82
N ILE C 132 -18.08 -18.30 4.61
CA ILE C 132 -18.33 -19.27 3.55
C ILE C 132 -17.52 -18.88 2.32
N SER C 133 -16.83 -19.86 1.73
CA SER C 133 -16.15 -19.64 0.44
C SER C 133 -17.17 -19.55 -0.69
N VAL C 134 -17.02 -18.55 -1.58
CA VAL C 134 -17.93 -18.41 -2.71
C VAL C 134 -17.15 -17.94 -3.91
N ALA C 135 -17.73 -18.20 -5.09
CA ALA C 135 -17.19 -17.76 -6.37
C ALA C 135 -18.13 -16.70 -6.92
N ILE C 136 -17.56 -15.60 -7.40
CA ILE C 136 -18.34 -14.51 -7.98
C ILE C 136 -17.79 -14.13 -9.35
N ASP C 137 -18.64 -13.48 -10.13
CA ASP C 137 -18.17 -12.87 -11.38
C ASP C 137 -17.55 -11.55 -10.99
N ALA C 138 -16.22 -11.46 -11.10
CA ALA C 138 -15.47 -10.25 -10.81
C ALA C 138 -14.86 -9.64 -12.07
N GLY C 139 -15.23 -10.13 -13.24
CA GLY C 139 -14.56 -9.69 -14.45
C GLY C 139 -15.09 -8.41 -15.07
N HIS C 140 -15.35 -7.38 -14.26
CA HIS C 140 -15.86 -6.11 -14.76
C HIS C 140 -15.05 -4.97 -14.14
N GLU C 141 -14.84 -3.89 -14.90
CA GLU C 141 -13.97 -2.88 -14.32
C GLU C 141 -14.62 -2.24 -13.10
N SER C 142 -15.94 -2.27 -13.03
CA SER C 142 -16.62 -1.71 -11.85
C SER C 142 -16.18 -2.41 -10.59
N PHE C 143 -15.93 -3.72 -10.67
CA PHE C 143 -15.44 -4.41 -9.49
C PHE C 143 -13.98 -4.02 -9.19
N LEU C 144 -13.13 -3.88 -10.23
CA LEU C 144 -11.76 -3.43 -9.97
C LEU C 144 -11.76 -2.11 -9.21
N PHE C 145 -12.67 -1.20 -9.59
CA PHE C 145 -12.66 0.18 -9.10
C PHE C 145 -13.51 0.37 -7.85
N TYR C 146 -14.12 -0.70 -7.34
CA TYR C 146 -15.07 -0.58 -6.24
C TYR C 146 -14.39 0.07 -5.03
N LYS C 147 -15.12 0.94 -4.36
CA LYS C 147 -14.62 1.63 -3.16
C LYS C 147 -15.61 1.61 -2.01
N GLU C 148 -16.89 1.87 -2.27
CA GLU C 148 -17.87 2.02 -1.22
C GLU C 148 -19.25 1.67 -1.76
N GLY C 149 -20.16 1.31 -0.85
CA GLY C 149 -21.53 1.11 -1.24
C GLY C 149 -21.86 -0.32 -1.60
N ILE C 150 -23.10 -0.51 -2.05
CA ILE C 150 -23.61 -1.82 -2.40
C ILE C 150 -23.32 -2.09 -3.87
N TYR C 151 -22.46 -3.07 -4.13
CA TYR C 151 -22.01 -3.35 -5.49
C TYR C 151 -23.10 -4.08 -6.26
N PHE C 152 -23.38 -3.57 -7.47
CA PHE C 152 -24.29 -4.20 -8.42
C PHE C 152 -23.79 -3.87 -9.82
N GLU C 153 -23.58 -4.89 -10.64
CA GLU C 153 -23.01 -4.74 -11.98
C GLU C 153 -23.98 -5.29 -13.00
N PRO C 154 -24.68 -4.42 -13.76
CA PRO C 154 -25.65 -4.90 -14.77
C PRO C 154 -25.15 -6.10 -15.55
N ASP C 155 -23.90 -6.04 -15.99
CA ASP C 155 -23.33 -7.06 -16.86
C ASP C 155 -22.83 -8.29 -16.12
N CYS C 156 -23.18 -8.44 -14.84
CA CYS C 156 -22.66 -9.56 -14.06
C CYS C 156 -23.43 -10.82 -14.36
N SER C 157 -22.70 -11.90 -14.65
CA SER C 157 -23.27 -13.19 -15.01
C SER C 157 -23.39 -14.06 -13.77
N SER C 158 -24.56 -14.65 -13.57
CA SER C 158 -24.76 -15.59 -12.47
C SER C 158 -24.27 -17.00 -12.79
N GLU C 159 -23.55 -17.18 -13.92
CA GLU C 159 -23.09 -18.49 -14.34
C GLU C 159 -21.64 -18.51 -14.80
N ASP C 160 -20.96 -17.38 -14.82
CA ASP C 160 -19.55 -17.32 -15.21
C ASP C 160 -18.75 -16.67 -14.08
N MET C 161 -18.68 -17.35 -12.95
CA MET C 161 -17.81 -16.91 -11.88
C MET C 161 -16.36 -17.13 -12.24
N ASP C 162 -15.51 -16.23 -11.76
CA ASP C 162 -14.08 -16.32 -12.04
C ASP C 162 -13.24 -15.93 -10.84
N HIS C 163 -13.84 -15.75 -9.66
CA HIS C 163 -13.10 -15.17 -8.55
C HIS C 163 -13.59 -15.74 -7.22
N GLY C 164 -12.69 -16.35 -6.46
CA GLY C 164 -13.05 -16.83 -5.13
C GLY C 164 -12.84 -15.76 -4.07
N VAL C 165 -13.82 -15.61 -3.18
CA VAL C 165 -13.81 -14.66 -2.08
C VAL C 165 -14.49 -15.31 -0.89
N LEU C 166 -14.74 -14.54 0.17
CA LEU C 166 -15.24 -15.10 1.42
C LEU C 166 -16.41 -14.26 1.92
N VAL C 167 -17.57 -14.90 2.11
CA VAL C 167 -18.71 -14.22 2.72
C VAL C 167 -18.55 -14.31 4.22
N VAL C 168 -18.43 -13.16 4.91
CA VAL C 168 -18.29 -13.13 6.34
C VAL C 168 -19.55 -12.63 7.04
N GLY C 169 -20.63 -12.36 6.30
CA GLY C 169 -21.85 -11.88 6.91
C GLY C 169 -22.78 -11.32 5.86
N TYR C 170 -23.83 -10.68 6.35
CA TYR C 170 -24.78 -10.05 5.45
C TYR C 170 -25.56 -9.01 6.23
N GLY C 171 -26.26 -8.14 5.50
CA GLY C 171 -26.99 -7.08 6.17
C GLY C 171 -28.04 -6.46 5.25
N PHE C 172 -28.61 -5.36 5.70
CA PHE C 172 -29.71 -4.76 4.95
C PHE C 172 -29.54 -3.26 4.91
N GLU C 173 -30.15 -2.65 3.88
CA GLU C 173 -30.19 -1.20 3.78
C GLU C 173 -31.13 -0.60 4.83
N SER C 174 -32.34 -1.17 4.99
CA SER C 174 -33.23 -0.86 6.10
C SER C 174 -34.41 -1.84 6.23
N ASN C 179 -34.28 -5.05 -1.28
CA ASN C 179 -34.20 -3.92 -0.36
C ASN C 179 -32.80 -3.34 -0.32
N ASN C 180 -32.02 -3.57 -1.38
CA ASN C 180 -30.57 -3.37 -1.33
C ASN C 180 -29.97 -4.06 -0.10
N LYS C 181 -30.42 -5.28 0.16
CA LYS C 181 -29.72 -6.13 1.12
C LYS C 181 -28.34 -6.47 0.55
N TYR C 182 -27.43 -6.91 1.41
CA TYR C 182 -26.10 -7.21 0.89
C TYR C 182 -25.43 -8.36 1.63
N TRP C 183 -24.46 -8.94 0.94
CA TRP C 183 -23.49 -9.85 1.50
C TRP C 183 -22.23 -9.07 1.85
N LEU C 184 -21.67 -9.33 3.03
CA LEU C 184 -20.40 -8.74 3.43
C LEU C 184 -19.27 -9.68 3.03
N VAL C 185 -18.42 -9.24 2.09
CA VAL C 185 -17.49 -10.13 1.41
C VAL C 185 -16.07 -9.63 1.59
N LYS C 186 -15.22 -10.50 2.11
CA LYS C 186 -13.80 -10.24 2.21
C LYS C 186 -13.10 -10.61 0.89
N ASN C 187 -12.35 -9.66 0.31
CA ASN C 187 -11.55 -9.92 -0.88
C ASN C 187 -10.11 -10.16 -0.46
N SER C 188 -9.23 -10.44 -1.44
CA SER C 188 -7.83 -10.71 -1.18
C SER C 188 -6.94 -9.79 -1.99
N TRP C 189 -7.40 -8.55 -2.18
CA TRP C 189 -6.69 -7.55 -2.97
C TRP C 189 -6.09 -6.45 -2.11
N GLY C 190 -5.86 -6.72 -0.83
CA GLY C 190 -5.29 -5.72 0.06
C GLY C 190 -6.33 -4.75 0.58
N GLU C 191 -5.87 -3.93 1.54
CA GLU C 191 -6.75 -3.00 2.23
C GLU C 191 -7.09 -1.77 1.39
N GLU C 192 -6.28 -1.46 0.36
CA GLU C 192 -6.60 -0.29 -0.43
C GLU C 192 -7.78 -0.52 -1.36
N TRP C 193 -8.02 -1.77 -1.79
CA TRP C 193 -9.21 -2.05 -2.57
C TRP C 193 -10.48 -1.98 -1.70
N GLY C 194 -11.53 -1.41 -2.29
CA GLY C 194 -12.88 -1.40 -1.72
C GLY C 194 -12.89 -0.74 -0.35
N MET C 195 -13.70 -1.29 0.55
CA MET C 195 -13.91 -0.70 1.89
C MET C 195 -12.99 -1.42 2.85
N GLY C 196 -11.74 -0.93 2.93
CA GLY C 196 -10.74 -1.64 3.70
C GLY C 196 -10.56 -3.07 3.23
N GLY C 197 -10.79 -3.34 1.93
CA GLY C 197 -10.64 -4.67 1.37
C GLY C 197 -11.90 -5.52 1.34
N TYR C 198 -13.01 -5.01 1.85
CA TYR C 198 -14.32 -5.63 1.87
C TYR C 198 -15.20 -5.02 0.80
N VAL C 199 -16.19 -5.79 0.35
CA VAL C 199 -17.19 -5.29 -0.58
C VAL C 199 -18.55 -5.74 -0.09
N LYS C 200 -19.54 -4.84 -0.18
CA LYS C 200 -20.94 -5.21 0.04
C LYS C 200 -21.53 -5.55 -1.32
N MET C 201 -21.89 -6.83 -1.50
N MET C 201 -21.94 -6.80 -1.50
CA MET C 201 -22.48 -7.32 -2.73
CA MET C 201 -22.47 -7.25 -2.78
C MET C 201 -23.99 -7.39 -2.60
C MET C 201 -23.96 -7.48 -2.66
N ALA C 202 -24.69 -7.02 -3.68
CA ALA C 202 -26.15 -7.11 -3.71
C ALA C 202 -26.62 -8.50 -3.29
N LYS C 203 -27.48 -8.52 -2.29
CA LYS C 203 -28.06 -9.76 -1.77
C LYS C 203 -29.51 -9.85 -2.22
N ASP C 204 -29.90 -11.02 -2.70
CA ASP C 204 -31.30 -11.27 -3.06
C ASP C 204 -31.69 -10.44 -4.29
N ARG C 205 -30.84 -10.48 -5.30
CA ARG C 205 -31.09 -9.82 -6.58
C ARG C 205 -30.70 -10.80 -7.70
N ARG C 206 -31.44 -11.90 -7.75
CA ARG C 206 -31.27 -12.90 -8.81
C ARG C 206 -29.87 -13.49 -8.79
N ASN C 207 -29.38 -13.83 -7.60
CA ASN C 207 -28.06 -14.44 -7.44
C ASN C 207 -27.00 -13.59 -8.12
N HIS C 208 -26.87 -12.34 -7.68
CA HIS C 208 -26.05 -11.38 -8.39
C HIS C 208 -24.58 -11.82 -8.42
N CYS C 209 -24.01 -11.86 -9.62
CA CYS C 209 -22.62 -12.28 -9.88
C CYS C 209 -22.36 -13.73 -9.47
N GLY C 210 -23.43 -14.52 -9.33
CA GLY C 210 -23.30 -15.95 -9.06
C GLY C 210 -22.83 -16.27 -7.67
N ILE C 211 -23.13 -15.41 -6.69
CA ILE C 211 -22.47 -15.54 -5.39
C ILE C 211 -22.87 -16.84 -4.70
N ALA C 212 -24.05 -17.37 -4.99
CA ALA C 212 -24.50 -18.56 -4.26
C ALA C 212 -24.32 -19.83 -5.06
N SER C 213 -23.74 -19.75 -6.25
CA SER C 213 -23.70 -20.90 -7.14
C SER C 213 -22.55 -21.84 -6.88
N ALA C 214 -21.55 -21.39 -6.12
CA ALA C 214 -20.40 -22.25 -5.83
C ALA C 214 -19.90 -21.94 -4.43
N ALA C 215 -20.80 -22.01 -3.46
CA ALA C 215 -20.50 -21.73 -2.06
C ALA C 215 -20.16 -23.02 -1.32
N SER C 216 -19.19 -22.95 -0.41
CA SER C 216 -18.79 -24.19 0.28
C SER C 216 -18.00 -23.84 1.52
N TYR C 217 -17.79 -24.84 2.37
CA TYR C 217 -16.93 -24.63 3.53
C TYR C 217 -16.31 -25.94 3.96
N PRO C 218 -15.20 -25.89 4.70
CA PRO C 218 -14.56 -27.13 5.12
C PRO C 218 -15.17 -27.70 6.38
N THR C 219 -15.15 -29.04 6.44
CA THR C 219 -15.64 -29.78 7.59
C THR C 219 -14.52 -29.93 8.59
N VAL C 220 -14.69 -29.33 9.76
CA VAL C 220 -13.67 -29.40 10.78
C VAL C 220 -14.20 -30.26 11.93
N ALA D 1 7.51 28.93 -14.53
CA ALA D 1 6.11 28.62 -14.78
C ALA D 1 5.26 29.09 -13.59
N PRO D 2 3.94 29.14 -13.74
CA PRO D 2 3.08 29.40 -12.59
C PRO D 2 3.28 28.32 -11.53
N ARG D 3 2.89 28.66 -10.29
CA ARG D 3 3.06 27.67 -9.22
C ARG D 3 2.08 26.51 -9.36
N SER D 4 0.93 26.76 -9.99
N SER D 4 0.92 26.76 -9.97
CA SER D 4 -0.06 25.71 -10.22
CA SER D 4 -0.08 25.72 -10.21
C SER D 4 -0.85 26.07 -11.47
C SER D 4 -0.81 26.07 -11.50
N VAL D 5 -1.31 25.04 -12.19
CA VAL D 5 -2.07 25.23 -13.44
C VAL D 5 -3.21 24.21 -13.41
N ASP D 6 -4.42 24.62 -13.84
CA ASP D 6 -5.52 23.63 -13.97
C ASP D 6 -6.32 24.07 -15.18
N TRP D 7 -6.07 23.45 -16.31
CA TRP D 7 -6.71 23.90 -17.53
C TRP D 7 -8.20 23.62 -17.55
N ARG D 8 -8.71 22.81 -16.63
CA ARG D 8 -10.14 22.60 -16.60
C ARG D 8 -10.85 23.90 -16.28
N GLU D 9 -10.23 24.73 -15.43
CA GLU D 9 -10.87 25.97 -15.01
C GLU D 9 -10.91 26.99 -16.14
N LYS D 10 -10.14 26.79 -17.21
CA LYS D 10 -10.10 27.68 -18.37
C LYS D 10 -10.92 27.20 -19.55
N GLY D 11 -11.59 26.06 -19.45
CA GLY D 11 -12.47 25.64 -20.52
C GLY D 11 -11.86 24.70 -21.54
N TYR D 12 -10.68 24.19 -21.26
CA TYR D 12 -9.87 23.43 -22.23
C TYR D 12 -10.15 21.94 -22.23
N VAL D 13 -10.93 21.43 -21.26
CA VAL D 13 -10.95 20.00 -20.98
C VAL D 13 -12.39 19.50 -20.96
N THR D 14 -12.67 18.44 -21.73
CA THR D 14 -13.96 17.79 -21.71
C THR D 14 -14.10 16.91 -20.48
N PRO D 15 -15.31 16.42 -20.20
CA PRO D 15 -15.46 15.50 -19.07
C PRO D 15 -14.67 14.21 -19.30
N VAL D 16 -14.46 13.49 -18.21
CA VAL D 16 -13.81 12.19 -18.28
C VAL D 16 -14.66 11.22 -19.08
N LYS D 17 -14.00 10.46 -19.93
CA LYS D 17 -14.57 9.45 -20.81
C LYS D 17 -14.13 8.07 -20.35
N ASN D 18 -14.64 7.03 -21.00
CA ASN D 18 -14.35 5.67 -20.54
C ASN D 18 -14.05 4.84 -21.77
N GLN D 19 -12.81 4.38 -21.91
CA GLN D 19 -12.44 3.64 -23.10
C GLN D 19 -12.96 2.21 -23.08
N GLY D 20 -13.46 1.72 -21.96
CA GLY D 20 -13.96 0.36 -22.06
C GLY D 20 -12.82 -0.64 -22.22
N GLN D 21 -13.16 -1.81 -22.74
CA GLN D 21 -12.20 -2.91 -22.77
C GLN D 21 -11.47 -2.98 -24.11
N CYS D 22 -11.02 -1.85 -24.59
CA CYS D 22 -10.34 -1.71 -25.87
C CYS D 22 -9.05 -0.95 -25.57
N GLY D 23 -7.92 -1.39 -26.13
CA GLY D 23 -6.63 -0.75 -25.86
C GLY D 23 -6.43 0.59 -26.56
N SER D 24 -7.35 1.52 -26.37
CA SER D 24 -7.41 2.77 -27.12
C SER D 24 -6.99 3.99 -26.28
N CYS D 25 -6.31 3.77 -25.17
CA CYS D 25 -5.95 4.89 -24.29
C CYS D 25 -5.24 5.98 -25.10
N TRP D 26 -4.39 5.57 -26.03
CA TRP D 26 -3.66 6.53 -26.86
C TRP D 26 -4.60 7.46 -27.61
N ALA D 27 -5.76 6.95 -28.05
CA ALA D 27 -6.71 7.78 -28.78
C ALA D 27 -7.37 8.80 -27.87
N PHE D 28 -7.69 8.40 -26.62
CA PHE D 28 -8.26 9.33 -25.64
C PHE D 28 -7.25 10.38 -25.21
N SER D 29 -5.97 9.99 -25.05
CA SER D 29 -4.93 11.01 -24.81
C SER D 29 -4.87 11.99 -25.94
N ALA D 30 -4.88 11.47 -27.18
CA ALA D 30 -4.75 12.33 -28.35
C ALA D 30 -5.95 13.27 -28.50
N THR D 31 -7.18 12.74 -28.38
CA THR D 31 -8.31 13.66 -28.50
C THR D 31 -8.28 14.71 -27.39
N GLY D 32 -7.88 14.32 -26.18
CA GLY D 32 -7.82 15.32 -25.10
C GLY D 32 -6.88 16.46 -25.45
N ALA D 33 -5.69 16.12 -25.97
CA ALA D 33 -4.77 17.20 -26.33
C ALA D 33 -5.32 18.03 -27.47
N LEU D 34 -5.96 17.39 -28.46
CA LEU D 34 -6.47 18.17 -29.60
C LEU D 34 -7.68 19.01 -29.19
N GLU D 35 -8.52 18.52 -28.26
CA GLU D 35 -9.61 19.33 -27.72
C GLU D 35 -9.07 20.62 -27.11
N GLY D 36 -8.01 20.50 -26.31
CA GLY D 36 -7.39 21.66 -25.69
C GLY D 36 -6.85 22.66 -26.71
N GLN D 37 -6.18 22.15 -27.74
CA GLN D 37 -5.57 23.06 -28.72
C GLN D 37 -6.61 23.66 -29.62
N MET D 38 -7.66 22.91 -29.94
CA MET D 38 -8.74 23.53 -30.71
C MET D 38 -9.44 24.62 -29.90
N PHE D 39 -9.62 24.40 -28.60
CA PHE D 39 -10.23 25.46 -27.79
C PHE D 39 -9.31 26.68 -27.75
N ARG D 40 -8.01 26.45 -27.60
CA ARG D 40 -7.06 27.53 -27.59
C ARG D 40 -7.15 28.35 -28.88
N LYS D 41 -7.41 27.68 -30.01
CA LYS D 41 -7.44 28.37 -31.29
C LYS D 41 -8.78 29.03 -31.54
N THR D 42 -9.88 28.39 -31.14
CA THR D 42 -11.20 28.90 -31.50
C THR D 42 -12.06 29.43 -30.37
N GLY D 43 -11.77 29.12 -29.11
CA GLY D 43 -12.67 29.46 -28.03
C GLY D 43 -13.89 28.55 -27.87
N ARG D 44 -13.94 27.43 -28.61
CA ARG D 44 -15.03 26.47 -28.50
C ARG D 44 -14.47 25.10 -28.15
N LEU D 45 -14.99 24.52 -27.09
CA LEU D 45 -14.63 23.14 -26.67
C LEU D 45 -15.60 22.17 -27.34
N ILE D 46 -15.08 21.24 -28.14
CA ILE D 46 -15.91 20.22 -28.82
C ILE D 46 -15.27 18.85 -28.60
N SER D 47 -16.03 17.95 -27.97
CA SER D 47 -15.51 16.60 -27.73
C SER D 47 -15.22 15.89 -29.06
N LEU D 48 -14.05 15.26 -29.18
CA LEU D 48 -13.60 14.64 -30.43
C LEU D 48 -13.70 13.11 -30.44
N SER D 49 -13.68 12.51 -31.65
CA SER D 49 -14.05 11.09 -31.77
C SER D 49 -12.81 10.17 -31.63
N GLU D 50 -12.72 9.46 -30.50
CA GLU D 50 -11.70 8.42 -30.38
C GLU D 50 -11.94 7.31 -31.39
N GLN D 51 -13.21 6.97 -31.63
CA GLN D 51 -13.52 5.91 -32.60
C GLN D 51 -12.93 6.23 -33.96
N ASN D 52 -13.00 7.52 -34.38
CA ASN D 52 -12.40 7.95 -35.65
C ASN D 52 -10.92 7.58 -35.69
N LEU D 53 -10.19 7.80 -34.58
CA LEU D 53 -8.79 7.40 -34.55
C LEU D 53 -8.62 5.89 -34.53
N VAL D 54 -9.44 5.17 -33.75
CA VAL D 54 -9.29 3.72 -33.66
C VAL D 54 -9.47 3.10 -35.05
N ASP D 55 -10.50 3.57 -35.79
CA ASP D 55 -10.84 2.93 -37.06
C ASP D 55 -9.94 3.37 -38.21
N CYS D 56 -9.41 4.61 -38.17
CA CYS D 56 -8.88 5.25 -39.35
C CYS D 56 -7.37 5.49 -39.35
N SER D 57 -6.69 5.42 -38.19
CA SER D 57 -5.31 5.89 -38.12
C SER D 57 -4.28 4.77 -38.20
N GLY D 58 -4.67 3.59 -38.74
CA GLY D 58 -3.74 2.53 -39.05
C GLY D 58 -2.62 2.93 -39.99
N PRO D 59 -2.90 3.68 -41.07
CA PRO D 59 -1.84 4.05 -42.00
C PRO D 59 -0.73 4.83 -41.34
N GLN D 60 -1.01 5.48 -40.22
CA GLN D 60 0.03 6.22 -39.54
C GLN D 60 0.76 5.39 -38.50
N GLY D 61 0.38 4.11 -38.32
CA GLY D 61 1.07 3.21 -37.40
C GLY D 61 0.24 2.73 -36.24
N ASN D 62 -0.97 3.21 -36.06
CA ASN D 62 -1.80 2.79 -34.93
C ASN D 62 -2.48 1.46 -35.22
N GLU D 63 -2.84 0.75 -34.15
CA GLU D 63 -3.37 -0.61 -34.25
C GLU D 63 -4.67 -0.76 -33.47
N GLY D 64 -5.50 0.29 -33.47
CA GLY D 64 -6.85 0.18 -32.96
C GLY D 64 -6.86 -0.21 -31.51
N CYS D 65 -7.61 -1.28 -31.18
CA CYS D 65 -7.69 -1.69 -29.79
C CYS D 65 -6.44 -2.42 -29.30
N ASN D 66 -5.46 -2.64 -30.19
CA ASN D 66 -4.22 -3.29 -29.81
C ASN D 66 -3.11 -2.29 -29.50
N GLY D 67 -3.43 -1.00 -29.44
CA GLY D 67 -2.44 -0.01 -29.06
C GLY D 67 -2.16 0.98 -30.18
N GLY D 68 -1.50 2.04 -29.78
CA GLY D 68 -1.19 3.13 -30.70
C GLY D 68 -0.37 4.18 -29.99
N LEU D 69 -0.13 5.28 -30.72
CA LEU D 69 0.68 6.39 -30.20
C LEU D 69 -0.03 7.69 -30.47
N MET D 70 0.02 8.59 -29.50
CA MET D 70 -0.63 9.86 -29.70
C MET D 70 -0.03 10.59 -30.90
N ASP D 71 1.30 10.53 -31.09
CA ASP D 71 1.91 11.26 -32.21
C ASP D 71 1.40 10.72 -33.55
N TYR D 72 1.19 9.41 -33.62
CA TYR D 72 0.59 8.83 -34.83
C TYR D 72 -0.82 9.35 -35.03
N ALA D 73 -1.60 9.52 -33.94
CA ALA D 73 -2.93 10.14 -34.05
C ALA D 73 -2.84 11.57 -34.58
N PHE D 74 -1.92 12.40 -34.03
CA PHE D 74 -1.78 13.75 -34.56
C PHE D 74 -1.37 13.71 -36.04
N GLN D 75 -0.52 12.76 -36.42
CA GLN D 75 -0.15 12.62 -37.83
C GLN D 75 -1.35 12.27 -38.69
N TYR D 76 -2.24 11.39 -38.20
CA TYR D 76 -3.46 11.08 -38.94
C TYR D 76 -4.30 12.33 -39.16
N VAL D 77 -4.51 13.12 -38.11
CA VAL D 77 -5.34 14.31 -38.28
C VAL D 77 -4.75 15.24 -39.33
N GLN D 78 -3.42 15.36 -39.37
CA GLN D 78 -2.74 16.21 -40.37
C GLN D 78 -2.91 15.64 -41.78
N ASP D 79 -2.57 14.36 -41.94
CA ASP D 79 -2.70 13.69 -43.25
C ASP D 79 -4.15 13.75 -43.74
N ASN D 80 -5.09 13.49 -42.86
CA ASN D 80 -6.50 13.37 -43.20
C ASN D 80 -7.15 14.71 -43.40
N GLY D 81 -6.56 15.80 -42.90
CA GLY D 81 -7.26 17.07 -42.98
C GLY D 81 -8.43 17.20 -42.04
N GLY D 82 -8.52 16.39 -40.99
CA GLY D 82 -9.65 16.54 -40.10
C GLY D 82 -9.83 15.40 -39.13
N LEU D 83 -10.79 15.62 -38.21
CA LEU D 83 -11.21 14.62 -37.23
C LEU D 83 -12.66 14.93 -36.87
N ASP D 84 -13.52 13.92 -36.84
CA ASP D 84 -14.94 14.11 -36.59
C ASP D 84 -15.23 14.33 -35.10
N SER D 85 -16.36 14.96 -34.84
CA SER D 85 -16.75 15.17 -33.45
C SER D 85 -17.19 13.86 -32.80
N GLU D 86 -17.04 13.80 -31.46
CA GLU D 86 -17.54 12.67 -30.69
C GLU D 86 -19.01 12.41 -31.00
N GLU D 87 -19.79 13.48 -31.11
CA GLU D 87 -21.23 13.35 -31.34
C GLU D 87 -21.52 12.68 -32.69
N SER D 88 -20.77 13.02 -33.72
CA SER D 88 -21.01 12.51 -35.06
C SER D 88 -20.45 11.11 -35.25
N TYR D 89 -19.51 10.69 -34.41
CA TYR D 89 -18.75 9.46 -34.64
C TYR D 89 -18.50 8.82 -33.27
N PRO D 90 -19.53 8.26 -32.67
CA PRO D 90 -19.48 7.86 -31.25
C PRO D 90 -18.63 6.62 -31.03
N TYR D 91 -18.28 6.43 -29.75
CA TYR D 91 -17.31 5.45 -29.36
C TYR D 91 -17.99 4.10 -29.14
N GLU D 92 -17.41 3.07 -29.75
CA GLU D 92 -17.96 1.71 -29.64
C GLU D 92 -17.04 0.71 -28.93
N ALA D 93 -15.80 1.11 -28.59
CA ALA D 93 -14.91 0.24 -27.82
C ALA D 93 -14.53 -1.02 -28.58
N THR D 94 -14.55 -0.95 -29.91
CA THR D 94 -14.04 -2.06 -30.71
C THR D 94 -13.67 -1.50 -32.07
N GLU D 95 -12.73 -2.19 -32.77
CA GLU D 95 -12.17 -1.65 -34.00
C GLU D 95 -13.08 -2.02 -35.16
N GLU D 96 -13.43 -1.03 -36.00
CA GLU D 96 -14.27 -1.23 -37.18
C GLU D 96 -13.66 -0.47 -38.35
N SER D 97 -14.30 -0.56 -39.50
CA SER D 97 -13.76 0.15 -40.66
C SER D 97 -14.01 1.65 -40.52
N CYS D 98 -13.22 2.39 -41.27
CA CYS D 98 -13.21 3.85 -41.16
C CYS D 98 -14.46 4.48 -41.78
N LYS D 99 -15.13 5.35 -41.02
CA LYS D 99 -16.31 6.07 -41.48
C LYS D 99 -16.15 7.58 -41.34
N TYR D 100 -14.90 8.06 -41.36
CA TYR D 100 -14.67 9.50 -41.33
C TYR D 100 -15.51 10.22 -42.36
N ASN D 101 -16.19 11.28 -41.94
CA ASN D 101 -16.91 12.16 -42.89
C ASN D 101 -16.43 13.60 -42.72
N PRO D 102 -15.79 14.18 -43.73
CA PRO D 102 -15.19 15.52 -43.55
C PRO D 102 -16.21 16.59 -43.24
N LYS D 103 -17.49 16.36 -43.55
CA LYS D 103 -18.55 17.33 -43.24
C LYS D 103 -18.78 17.45 -41.74
N TYR D 104 -18.40 16.43 -40.96
CA TYR D 104 -18.52 16.52 -39.52
C TYR D 104 -17.17 16.72 -38.84
N SER D 105 -16.13 17.09 -39.58
CA SER D 105 -14.85 17.41 -38.97
C SER D 105 -14.95 18.71 -38.18
N VAL D 106 -14.42 18.70 -36.96
CA VAL D 106 -14.42 19.90 -36.15
C VAL D 106 -13.02 20.20 -35.63
N ALA D 107 -11.99 19.45 -36.08
CA ALA D 107 -10.61 19.69 -35.69
C ALA D 107 -9.65 19.45 -36.85
N ASN D 108 -8.47 20.05 -36.73
CA ASN D 108 -7.37 19.78 -37.66
C ASN D 108 -6.07 20.04 -36.94
N ASP D 109 -4.96 19.53 -37.49
CA ASP D 109 -3.66 19.96 -36.99
C ASP D 109 -2.63 19.87 -38.10
N ALA D 110 -1.50 20.50 -37.85
CA ALA D 110 -0.44 20.67 -38.83
C ALA D 110 0.79 19.87 -38.45
N GLY D 111 0.61 18.84 -37.64
CA GLY D 111 1.74 18.11 -37.10
C GLY D 111 1.75 18.17 -35.58
N PHE D 112 2.92 18.02 -34.98
CA PHE D 112 2.97 17.91 -33.52
C PHE D 112 4.36 18.29 -33.04
N VAL D 113 4.47 18.45 -31.71
CA VAL D 113 5.71 18.84 -31.07
C VAL D 113 5.99 17.82 -29.98
N ASP D 114 7.17 17.21 -30.02
CA ASP D 114 7.65 16.31 -28.99
C ASP D 114 8.38 17.14 -27.96
N ILE D 115 8.02 17.01 -26.69
CA ILE D 115 8.65 17.84 -25.66
C ILE D 115 9.95 17.18 -25.19
N PRO D 116 11.01 17.94 -24.91
CA PRO D 116 12.24 17.36 -24.36
C PRO D 116 11.95 16.54 -23.11
N LYS D 117 12.74 15.47 -22.91
CA LYS D 117 12.37 14.41 -21.97
C LYS D 117 12.79 14.76 -20.54
N GLN D 118 12.25 15.87 -20.04
CA GLN D 118 12.48 16.16 -18.63
C GLN D 118 11.32 17.01 -18.10
N GLU D 119 11.13 16.96 -16.78
CA GLU D 119 9.92 17.51 -16.19
C GLU D 119 9.89 19.04 -16.19
N LYS D 120 11.04 19.70 -16.24
CA LYS D 120 11.00 21.17 -16.32
C LYS D 120 10.45 21.59 -17.68
N ALA D 121 10.88 20.90 -18.73
CA ALA D 121 10.31 21.16 -20.06
C ALA D 121 8.82 20.82 -20.12
N LEU D 122 8.44 19.69 -19.52
CA LEU D 122 7.01 19.37 -19.49
C LEU D 122 6.21 20.44 -18.76
N MET D 123 6.72 20.92 -17.63
CA MET D 123 5.98 21.95 -16.93
C MET D 123 5.83 23.19 -17.80
N LYS D 124 6.90 23.61 -18.46
CA LYS D 124 6.80 24.77 -19.32
C LYS D 124 5.76 24.56 -20.41
N ALA D 125 5.73 23.37 -21.02
CA ALA D 125 4.72 23.12 -22.04
C ALA D 125 3.31 23.15 -21.45
N VAL D 126 3.10 22.47 -20.30
CA VAL D 126 1.76 22.51 -19.69
C VAL D 126 1.35 23.96 -19.41
N ALA D 127 2.28 24.76 -18.91
CA ALA D 127 1.91 26.13 -18.56
C ALA D 127 1.65 27.00 -19.77
N THR D 128 2.36 26.76 -20.89
CA THR D 128 2.30 27.72 -21.99
C THR D 128 1.47 27.25 -23.18
N VAL D 129 1.11 25.98 -23.25
CA VAL D 129 0.46 25.41 -24.42
C VAL D 129 -0.97 25.00 -24.11
N GLY D 130 -1.14 24.22 -23.04
CA GLY D 130 -2.40 23.63 -22.71
C GLY D 130 -2.16 22.18 -22.27
N PRO D 131 -3.22 21.40 -22.21
CA PRO D 131 -3.08 19.98 -21.85
C PRO D 131 -2.15 19.24 -22.80
N ILE D 132 -1.39 18.29 -22.25
CA ILE D 132 -0.28 17.66 -22.96
C ILE D 132 -0.48 16.15 -22.94
N SER D 133 -0.40 15.51 -24.10
CA SER D 133 -0.45 14.06 -24.12
C SER D 133 0.83 13.49 -23.53
N VAL D 134 0.70 12.49 -22.64
CA VAL D 134 1.88 11.81 -22.11
C VAL D 134 1.65 10.31 -22.01
N ALA D 135 2.78 9.58 -21.92
CA ALA D 135 2.75 8.15 -21.63
C ALA D 135 3.30 7.91 -20.23
N ILE D 136 2.66 7.04 -19.47
CA ILE D 136 3.10 6.73 -18.11
C ILE D 136 3.16 5.23 -17.92
N ASP D 137 3.97 4.80 -16.96
CA ASP D 137 3.94 3.42 -16.48
C ASP D 137 2.76 3.30 -15.53
N ALA D 138 1.64 2.78 -16.03
CA ALA D 138 0.43 2.52 -15.24
C ALA D 138 0.30 1.07 -14.85
N GLY D 139 1.34 0.25 -15.09
CA GLY D 139 1.27 -1.19 -14.98
C GLY D 139 1.45 -1.75 -13.59
N HIS D 140 0.67 -1.22 -12.62
CA HIS D 140 0.72 -1.66 -11.22
C HIS D 140 -0.66 -1.70 -10.59
N GLU D 141 -0.87 -2.70 -9.72
CA GLU D 141 -2.08 -2.77 -8.94
C GLU D 141 -2.39 -1.44 -8.26
N SER D 142 -1.36 -0.77 -7.75
CA SER D 142 -1.57 0.48 -7.04
C SER D 142 -2.28 1.51 -7.92
N PHE D 143 -2.01 1.49 -9.21
CA PHE D 143 -2.65 2.46 -10.10
C PHE D 143 -4.12 2.11 -10.29
N LEU D 144 -4.41 0.81 -10.39
CA LEU D 144 -5.81 0.42 -10.55
C LEU D 144 -6.63 0.92 -9.38
N PHE D 145 -6.07 0.83 -8.17
CA PHE D 145 -6.86 1.08 -6.97
C PHE D 145 -6.70 2.49 -6.45
N TYR D 146 -5.96 3.33 -7.16
CA TYR D 146 -5.78 4.73 -6.74
C TYR D 146 -7.10 5.42 -6.41
N LYS D 147 -7.13 6.12 -5.27
CA LYS D 147 -8.30 6.85 -4.77
C LYS D 147 -8.04 8.34 -4.66
N GLU D 148 -6.92 8.72 -4.04
CA GLU D 148 -6.67 10.14 -3.77
C GLU D 148 -5.20 10.31 -3.39
N GLY D 149 -4.80 11.58 -3.24
CA GLY D 149 -3.42 11.89 -2.85
C GLY D 149 -2.49 11.87 -4.05
N ILE D 150 -1.20 12.01 -3.80
CA ILE D 150 -0.22 12.07 -4.88
C ILE D 150 0.29 10.66 -5.11
N TYR D 151 0.07 10.15 -6.30
CA TYR D 151 0.43 8.78 -6.64
C TYR D 151 1.94 8.62 -6.73
N PHE D 152 2.53 7.71 -5.94
CA PHE D 152 3.95 7.45 -6.02
C PHE D 152 4.09 5.95 -5.92
N GLU D 153 4.61 5.34 -6.94
CA GLU D 153 4.71 3.88 -6.97
C GLU D 153 6.19 3.49 -6.95
N PRO D 154 6.72 2.85 -5.89
CA PRO D 154 8.16 2.55 -5.88
C PRO D 154 8.63 1.75 -7.08
N ASP D 155 7.83 0.85 -7.63
CA ASP D 155 8.28 0.08 -8.78
C ASP D 155 8.01 0.78 -10.12
N CYS D 156 7.65 2.05 -10.12
CA CYS D 156 7.40 2.71 -11.39
C CYS D 156 8.68 2.86 -12.20
N SER D 157 8.56 2.69 -13.52
CA SER D 157 9.67 2.85 -14.44
C SER D 157 9.54 4.15 -15.23
N SER D 158 10.68 4.80 -15.47
N SER D 158 10.67 4.80 -15.48
CA SER D 158 10.74 5.95 -16.37
CA SER D 158 10.69 5.95 -16.37
C SER D 158 10.99 5.55 -17.81
C SER D 158 11.03 5.55 -17.80
N GLU D 159 11.18 4.26 -18.06
CA GLU D 159 11.47 3.75 -19.40
C GLU D 159 10.38 2.89 -19.99
N ASP D 160 9.58 2.21 -19.18
CA ASP D 160 8.61 1.27 -19.73
C ASP D 160 7.18 1.77 -19.59
N MET D 161 6.91 2.95 -20.14
CA MET D 161 5.55 3.46 -20.13
C MET D 161 4.65 2.57 -20.99
N ASP D 162 3.40 2.45 -20.57
CA ASP D 162 2.47 1.56 -21.25
C ASP D 162 1.07 2.16 -21.41
N HIS D 163 0.88 3.43 -21.03
CA HIS D 163 -0.49 3.96 -20.93
C HIS D 163 -0.47 5.42 -21.32
N GLY D 164 -1.34 5.79 -22.26
CA GLY D 164 -1.41 7.18 -22.68
C GLY D 164 -2.50 7.89 -21.90
N VAL D 165 -2.18 9.08 -21.40
CA VAL D 165 -3.09 9.88 -20.58
C VAL D 165 -2.84 11.36 -20.89
N LEU D 166 -3.44 12.27 -20.13
CA LEU D 166 -3.39 13.70 -20.50
C LEU D 166 -3.07 14.53 -19.27
N VAL D 167 -1.97 15.31 -19.31
CA VAL D 167 -1.65 16.22 -18.20
C VAL D 167 -2.44 17.50 -18.41
N VAL D 168 -3.33 17.83 -17.47
CA VAL D 168 -4.12 19.04 -17.59
C VAL D 168 -3.68 20.12 -16.60
N GLY D 169 -2.63 19.89 -15.82
CA GLY D 169 -2.19 20.90 -14.86
C GLY D 169 -1.17 20.28 -13.93
N TYR D 170 -0.88 21.01 -12.86
CA TYR D 170 0.06 20.54 -11.86
C TYR D 170 -0.10 21.46 -10.66
N GLY D 171 0.47 21.08 -9.54
CA GLY D 171 0.37 21.93 -8.36
C GLY D 171 1.08 21.30 -7.20
N PHE D 172 0.66 21.69 -5.99
CA PHE D 172 1.26 21.13 -4.78
C PHE D 172 0.21 21.02 -3.69
N GLU D 173 0.44 20.07 -2.78
CA GLU D 173 -0.34 19.86 -1.57
C GLU D 173 0.53 20.24 -0.37
N SER D 174 -0.13 20.43 0.77
CA SER D 174 0.58 20.85 1.99
C SER D 174 1.27 22.18 1.80
N THR D 175 2.24 22.46 2.68
CA THR D 175 3.09 23.64 2.62
C THR D 175 3.96 23.62 1.38
N GLU D 176 4.09 24.76 0.71
CA GLU D 176 4.89 24.79 -0.51
C GLU D 176 6.30 24.28 -0.26
N SER D 177 6.89 24.61 0.90
CA SER D 177 8.28 24.21 1.13
C SER D 177 8.44 22.70 1.26
N ASP D 178 7.34 21.95 1.51
CA ASP D 178 7.45 20.49 1.57
C ASP D 178 7.74 19.85 0.22
N ASN D 179 7.61 20.60 -0.88
CA ASN D 179 7.86 20.05 -2.22
C ASN D 179 6.99 18.82 -2.50
N ASN D 180 5.76 18.87 -2.01
CA ASN D 180 4.77 17.84 -2.25
C ASN D 180 4.02 18.16 -3.56
N LYS D 181 4.70 17.92 -4.68
CA LYS D 181 4.22 18.38 -5.98
C LYS D 181 3.59 17.25 -6.79
N TYR D 182 2.64 17.62 -7.65
CA TYR D 182 2.02 16.63 -8.51
C TYR D 182 1.70 17.21 -9.89
N TRP D 183 1.58 16.27 -10.84
CA TRP D 183 0.91 16.47 -12.13
C TRP D 183 -0.56 16.11 -11.99
N LEU D 184 -1.45 16.95 -12.52
CA LEU D 184 -2.89 16.65 -12.58
C LEU D 184 -3.19 15.94 -13.91
N VAL D 185 -3.64 14.69 -13.82
CA VAL D 185 -3.68 13.81 -14.99
C VAL D 185 -5.10 13.28 -15.20
N LYS D 186 -5.60 13.49 -16.42
CA LYS D 186 -6.91 12.96 -16.82
C LYS D 186 -6.72 11.56 -17.38
N ASN D 187 -7.44 10.58 -16.83
CA ASN D 187 -7.41 9.22 -17.35
C ASN D 187 -8.67 8.98 -18.21
N SER D 188 -8.77 7.78 -18.80
CA SER D 188 -9.90 7.44 -19.66
C SER D 188 -10.61 6.16 -19.18
N TRP D 189 -10.70 6.01 -17.85
CA TRP D 189 -11.31 4.85 -17.22
C TRP D 189 -12.60 5.22 -16.51
N GLY D 190 -13.25 6.29 -16.96
CA GLY D 190 -14.49 6.69 -16.33
C GLY D 190 -14.28 7.41 -15.00
N GLU D 191 -15.38 8.00 -14.49
CA GLU D 191 -15.19 8.87 -13.32
C GLU D 191 -15.19 8.07 -12.02
N GLU D 192 -15.51 6.78 -12.07
CA GLU D 192 -15.48 5.94 -10.88
C GLU D 192 -14.06 5.51 -10.54
N TRP D 193 -13.15 5.56 -11.50
CA TRP D 193 -11.73 5.32 -11.22
C TRP D 193 -11.11 6.55 -10.57
N GLY D 194 -10.20 6.34 -9.60
CA GLY D 194 -9.45 7.52 -9.20
C GLY D 194 -10.27 8.60 -8.51
N MET D 195 -9.82 9.83 -8.69
CA MET D 195 -10.45 11.01 -8.12
C MET D 195 -11.33 11.62 -9.21
N GLY D 196 -12.57 11.11 -9.30
CA GLY D 196 -13.42 11.55 -10.41
C GLY D 196 -12.82 11.27 -11.77
N GLY D 197 -12.03 10.21 -11.89
CA GLY D 197 -11.33 9.87 -13.13
C GLY D 197 -9.99 10.55 -13.33
N TYR D 198 -9.53 11.34 -12.34
CA TYR D 198 -8.24 12.02 -12.38
C TYR D 198 -7.28 11.36 -11.39
N VAL D 199 -5.98 11.56 -11.64
CA VAL D 199 -4.93 11.13 -10.70
C VAL D 199 -3.91 12.24 -10.55
N LYS D 200 -3.47 12.48 -9.32
CA LYS D 200 -2.32 13.34 -9.11
C LYS D 200 -1.07 12.47 -9.10
N MET D 201 -0.13 12.73 -10.00
N MET D 201 -0.15 12.72 -10.03
CA MET D 201 1.03 11.87 -10.08
CA MET D 201 1.05 11.90 -10.20
C MET D 201 2.27 12.60 -9.66
C MET D 201 2.26 12.62 -9.63
N ALA D 202 3.14 11.87 -8.97
CA ALA D 202 4.36 12.44 -8.40
C ALA D 202 5.12 13.31 -9.41
N LYS D 203 5.47 14.52 -8.98
CA LYS D 203 6.13 15.49 -9.86
C LYS D 203 7.48 15.89 -9.28
N ASP D 204 8.47 16.04 -10.17
CA ASP D 204 9.82 16.46 -9.81
C ASP D 204 10.51 15.44 -8.91
N ARG D 205 10.24 14.16 -9.18
CA ARG D 205 11.01 13.05 -8.62
C ARG D 205 11.72 12.28 -9.74
N ARG D 206 12.51 12.99 -10.55
CA ARG D 206 13.28 12.40 -11.63
C ARG D 206 12.39 11.54 -12.55
N ASN D 207 11.31 12.16 -13.02
CA ASN D 207 10.51 11.58 -14.10
C ASN D 207 9.82 10.30 -13.64
N HIS D 208 9.11 10.41 -12.52
CA HIS D 208 8.43 9.26 -11.95
C HIS D 208 7.41 8.70 -12.93
N CYS D 209 7.45 7.37 -13.13
CA CYS D 209 6.57 6.67 -14.07
C CYS D 209 6.75 7.13 -15.51
N GLY D 210 7.82 7.88 -15.80
CA GLY D 210 8.12 8.23 -17.18
C GLY D 210 7.22 9.29 -17.77
N ILE D 211 6.57 10.08 -16.92
CA ILE D 211 5.56 11.04 -17.38
C ILE D 211 6.13 12.06 -18.37
N ALA D 212 7.44 12.35 -18.29
CA ALA D 212 8.04 13.30 -19.23
C ALA D 212 8.78 12.60 -20.37
N SER D 213 8.69 11.26 -20.48
CA SER D 213 9.51 10.53 -21.45
C SER D 213 8.92 10.55 -22.87
N ALA D 214 7.60 10.67 -23.01
CA ALA D 214 6.99 10.66 -24.35
C ALA D 214 5.81 11.65 -24.39
N ALA D 215 6.08 12.93 -24.13
CA ALA D 215 5.04 13.95 -24.03
C ALA D 215 4.99 14.77 -25.32
N SER D 216 3.80 15.08 -25.80
CA SER D 216 3.71 15.83 -27.06
C SER D 216 2.37 16.52 -27.11
N TYR D 217 2.22 17.41 -28.10
CA TYR D 217 0.92 18.00 -28.35
C TYR D 217 0.83 18.33 -29.82
N PRO D 218 -0.39 18.49 -30.34
CA PRO D 218 -0.57 18.76 -31.77
C PRO D 218 -0.45 20.25 -32.03
N THR D 219 0.04 20.62 -33.22
N THR D 219 0.08 20.59 -33.22
CA THR D 219 0.18 22.02 -33.61
CA THR D 219 0.17 21.97 -33.68
C THR D 219 -1.02 22.42 -34.45
C THR D 219 -1.11 22.34 -34.41
N VAL D 220 -1.80 23.41 -33.99
CA VAL D 220 -3.03 23.74 -34.71
C VAL D 220 -2.94 25.12 -35.36
#